data_9BUR
#
_entry.id   9BUR
#
loop_
_entity.id
_entity.type
_entity.pdbx_description
1 polymer 'Vitamin K-dependent gamma-carboxylase'
2 polymer Osteocalcin
3 branched 2-acetamido-2-deoxy-beta-D-glucopyranose-(1-4)-2-acetamido-2-deoxy-beta-D-glucopyranose
4 non-polymer 2-acetamido-2-deoxy-beta-D-glucopyranose
5 non-polymer CHOLESTEROL
6 non-polymer '(2S)-3-(hexadecanoyloxy)-2-[(9Z)-octadec-9-enoyloxy]propyl 2-(trimethylammonio)ethyl phosphate'
#
loop_
_entity_poly.entity_id
_entity_poly.type
_entity_poly.pdbx_seq_one_letter_code
_entity_poly.pdbx_strand_id
1 'polypeptide(L)'
;MAVSAGSARTSPSSDKVQKDKAELISGPRQDSRIGKLLGFEWTDLSSWRRLVTLLNRPTDPASLAVFRFLFGFLMVLDIP
QERGLSSLDRKYLDGLDVCRFPLLDALRPLPLDWMYLVYTIMFLGALGMMLGLCYRISCVLFLLPYWYVFLLDKTSWNNH
SYLYGLLAFQLTFMDANHYWSVDGLLNAHRRNAHVPLWNYAVLRGQIFIVYFIAGVKKLDADWVEGYSMEYLSRHWLFSP
FKLLLSEELTSLLVVHWGGLLLDLSAGFLLFFDVSRSIGLFFVSYFHCMNSQLFSIGMFSYVMLASSPLFCSPEWPRKLV
SYCPRRLQQLLPLKAAPQPSVSCVYKRSRGKSGQKPGLRHQLGAAFTLLYLLEQLFLPYSHFLTQGYNNWTNGLYGYSWD
MMVHSRSHQHVKITYRDGRTGELGYLNPGVFTQSRRWKDHADMLKQYATCLSRLLPKYNVTEPQIYFDIWVSINDRFQQR
IFDPRVDIVQAAWSPFQRTSWVQPLLMDLSPWRAKLQEIKSSLDNHTEVVFIADFPGLHLENFVSEDLGNTSIQLLQGEV
TVELVAEQKNQTLREGEKMQLPAGEYHKVYTTSPSPSCYMYVYVNTTELALEQDLAYLQELKEKVENGSETGPLPPELQP
LLEGEVKGGPEPTPLVQTFLRRQQRLQEIERRRNTPFHERFFRFLLRKLYVFRRSFLMTCISLRNLILGRPSLEQLAQEV
TYANLRPFEAVGELNPSNTDSSHSNPPESNPDPVHSEFDYKDDDDK
;
A
2 'polypeptide(L)'
;MRALTLLALLALAALCIAGQAGAKPSGAESSKGAAFVSKQEGSEVVKRPRRYLYQWLGAPVPYPDPLEPRREVCELNPDC
DELADHIGFQEAYRRFYGPVHHHHHH
;
B
#
# COMPACT_ATOMS: atom_id res chain seq x y z
N ASP A 31 -31.06 30.44 -13.21
CA ASP A 31 -32.07 31.41 -12.82
C ASP A 31 -32.94 30.93 -11.67
N SER A 32 -32.83 29.67 -11.28
CA SER A 32 -33.59 29.27 -10.12
C SER A 32 -32.68 29.29 -8.93
N ARG A 33 -33.17 28.84 -7.79
CA ARG A 33 -32.21 28.71 -6.69
C ARG A 33 -31.29 27.52 -6.91
N ILE A 34 -31.83 26.42 -7.44
CA ILE A 34 -31.04 25.21 -7.66
C ILE A 34 -30.10 25.33 -8.85
N GLY A 35 -30.37 26.24 -9.80
CA GLY A 35 -29.49 26.39 -10.94
C GLY A 35 -28.17 27.04 -10.58
N LYS A 36 -28.19 28.01 -9.66
CA LYS A 36 -26.97 28.61 -9.16
C LYS A 36 -26.23 27.71 -8.19
N LEU A 37 -26.93 26.73 -7.61
CA LEU A 37 -26.36 25.88 -6.58
C LEU A 37 -25.71 24.63 -7.15
N LEU A 38 -26.43 23.89 -7.98
CA LEU A 38 -25.92 22.65 -8.55
C LEU A 38 -25.42 22.80 -9.98
N GLY A 39 -25.66 23.94 -10.63
CA GLY A 39 -25.26 24.11 -12.01
C GLY A 39 -26.25 23.62 -13.04
N PHE A 40 -27.43 23.16 -12.61
CA PHE A 40 -28.45 22.63 -13.50
C PHE A 40 -29.77 22.56 -12.74
N GLU A 41 -30.87 22.61 -13.47
CA GLU A 41 -32.19 22.44 -12.91
C GLU A 41 -32.73 21.06 -13.21
N TRP A 42 -33.90 20.76 -12.65
CA TRP A 42 -34.51 19.45 -12.87
C TRP A 42 -35.10 19.31 -14.26
N THR A 43 -35.27 20.40 -14.99
CA THR A 43 -35.65 20.29 -16.40
C THR A 43 -34.50 19.80 -17.27
N ASP A 44 -33.25 19.94 -16.80
CA ASP A 44 -32.14 19.33 -17.51
C ASP A 44 -32.04 17.83 -17.27
N LEU A 45 -32.75 17.31 -16.27
CA LEU A 45 -32.83 15.88 -16.03
C LEU A 45 -34.19 15.31 -16.42
N SER A 46 -34.96 16.05 -17.21
CA SER A 46 -36.31 15.62 -17.57
C SER A 46 -36.33 14.47 -18.57
N SER A 47 -35.30 14.33 -19.38
CA SER A 47 -35.27 13.28 -20.39
C SER A 47 -33.84 12.80 -20.58
N TRP A 48 -33.70 11.80 -21.44
CA TRP A 48 -32.36 11.33 -21.80
C TRP A 48 -31.67 12.31 -22.73
N ARG A 49 -32.42 12.94 -23.64
CA ARG A 49 -31.84 13.91 -24.55
C ARG A 49 -31.40 15.18 -23.82
N ARG A 50 -32.14 15.58 -22.80
CA ARG A 50 -31.74 16.74 -22.01
C ARG A 50 -30.63 16.40 -21.03
N LEU A 51 -30.39 15.12 -20.74
CA LEU A 51 -29.26 14.73 -19.92
C LEU A 51 -27.99 14.59 -20.75
N VAL A 52 -28.12 14.11 -22.00
CA VAL A 52 -26.98 14.10 -22.92
C VAL A 52 -26.56 15.52 -23.25
N THR A 53 -27.53 16.42 -23.43
CA THR A 53 -27.24 17.82 -23.70
C THR A 53 -26.61 18.50 -22.49
N LEU A 54 -27.03 18.15 -21.27
CA LEU A 54 -26.41 18.72 -20.08
C LEU A 54 -25.00 18.21 -19.88
N LEU A 55 -24.78 16.92 -20.11
CA LEU A 55 -23.46 16.36 -19.87
C LEU A 55 -22.47 16.67 -20.98
N ASN A 56 -22.94 17.01 -22.18
CA ASN A 56 -22.08 17.43 -23.27
C ASN A 56 -22.12 18.95 -23.48
N ARG A 57 -22.45 19.68 -22.42
CA ARG A 57 -22.50 21.13 -22.48
C ARG A 57 -21.09 21.69 -22.66
N PRO A 58 -20.91 22.67 -23.54
CA PRO A 58 -19.56 23.18 -23.84
C PRO A 58 -18.92 23.89 -22.66
N THR A 59 -17.74 23.43 -22.27
CA THR A 59 -17.05 23.89 -21.09
C THR A 59 -15.64 24.30 -21.47
N ASP A 60 -15.04 25.18 -20.67
CA ASP A 60 -13.68 25.64 -20.91
C ASP A 60 -12.70 24.49 -20.72
N PRO A 61 -11.81 24.23 -21.68
CA PRO A 61 -10.85 23.13 -21.55
C PRO A 61 -9.74 23.34 -20.52
N ALA A 62 -9.70 24.47 -19.83
CA ALA A 62 -8.48 24.90 -19.18
C ALA A 62 -8.21 24.16 -17.87
N SER A 63 -9.24 23.95 -17.05
CA SER A 63 -9.03 23.30 -15.77
C SER A 63 -8.83 21.80 -15.93
N LEU A 64 -9.29 21.25 -17.05
CA LEU A 64 -9.08 19.83 -17.36
C LEU A 64 -7.68 19.59 -17.89
N ALA A 65 -7.09 20.59 -18.54
CA ALA A 65 -5.81 20.40 -19.18
C ALA A 65 -4.65 20.88 -18.33
N VAL A 66 -4.93 21.45 -17.16
CA VAL A 66 -3.90 21.65 -16.16
C VAL A 66 -3.80 20.41 -15.28
N PHE A 67 -4.94 19.73 -15.07
CA PHE A 67 -4.90 18.42 -14.43
C PHE A 67 -4.25 17.38 -15.32
N ARG A 68 -4.37 17.51 -16.64
CA ARG A 68 -3.71 16.56 -17.53
C ARG A 68 -2.19 16.68 -17.45
N PHE A 69 -1.70 17.91 -17.35
CA PHE A 69 -0.28 18.12 -17.15
C PHE A 69 0.17 17.64 -15.79
N LEU A 70 -0.55 18.06 -14.73
CA LEU A 70 -0.12 17.74 -13.37
C LEU A 70 -0.32 16.28 -13.01
N PHE A 71 -1.19 15.57 -13.73
CA PHE A 71 -1.24 14.12 -13.53
C PHE A 71 -0.18 13.43 -14.37
N GLY A 72 0.01 13.86 -15.61
CA GLY A 72 1.02 13.25 -16.46
C GLY A 72 2.44 13.59 -16.09
N PHE A 73 2.64 14.64 -15.29
CA PHE A 73 3.99 14.95 -14.82
C PHE A 73 4.29 14.20 -13.53
N LEU A 74 3.26 13.97 -12.71
CA LEU A 74 3.44 13.15 -11.52
C LEU A 74 3.36 11.66 -11.81
N MET A 75 3.11 11.28 -13.06
CA MET A 75 3.28 9.89 -13.45
C MET A 75 4.63 9.66 -14.11
N VAL A 76 5.23 10.71 -14.67
CA VAL A 76 6.61 10.62 -15.14
C VAL A 76 7.55 10.42 -13.95
N LEU A 77 7.28 11.11 -12.85
CA LEU A 77 8.09 10.92 -11.64
C LEU A 77 7.80 9.60 -10.96
N ASP A 78 6.57 9.11 -11.07
CA ASP A 78 6.16 7.91 -10.34
C ASP A 78 6.73 6.63 -10.91
N ILE A 79 7.11 6.61 -12.18
CA ILE A 79 7.54 5.38 -12.85
C ILE A 79 8.91 4.91 -12.36
N PRO A 80 9.96 5.74 -12.22
CA PRO A 80 11.19 5.20 -11.60
C PRO A 80 11.11 5.02 -10.11
N GLN A 81 10.19 5.70 -9.41
CA GLN A 81 10.17 5.67 -7.96
C GLN A 81 9.27 4.57 -7.42
N GLU A 82 7.98 4.62 -7.73
CA GLU A 82 7.03 3.70 -7.10
C GLU A 82 6.57 2.59 -8.01
N ARG A 83 6.62 2.78 -9.33
CA ARG A 83 6.26 1.68 -10.22
C ARG A 83 7.34 0.60 -10.23
N GLY A 84 8.56 0.95 -9.85
CA GLY A 84 9.63 -0.02 -9.73
C GLY A 84 10.47 -0.16 -10.97
N LEU A 85 10.65 0.93 -11.71
CA LEU A 85 11.56 0.90 -12.84
C LEU A 85 13.01 0.86 -12.40
N SER A 86 13.34 1.54 -11.30
CA SER A 86 14.71 1.53 -10.81
C SER A 86 15.03 0.24 -10.06
N SER A 87 14.02 -0.47 -9.59
CA SER A 87 14.20 -1.78 -8.98
C SER A 87 13.55 -2.86 -9.82
N LEU A 88 13.62 -2.72 -11.14
CA LEU A 88 13.04 -3.74 -12.01
C LEU A 88 14.00 -4.91 -12.20
N ASP A 89 15.31 -4.64 -12.11
CA ASP A 89 16.29 -5.71 -12.26
C ASP A 89 16.33 -6.63 -11.04
N ARG A 90 15.90 -6.14 -9.88
CA ARG A 90 15.82 -6.96 -8.69
C ARG A 90 14.48 -7.67 -8.53
N LYS A 91 13.46 -7.19 -9.22
CA LYS A 91 12.12 -7.75 -9.06
C LYS A 91 11.77 -8.75 -10.15
N TYR A 92 11.93 -8.38 -11.41
CA TYR A 92 11.52 -9.20 -12.54
C TYR A 92 12.71 -9.84 -13.24
N LEU A 93 13.69 -10.27 -12.45
CA LEU A 93 14.91 -10.83 -12.99
C LEU A 93 14.67 -12.23 -13.55
N ASP A 94 15.32 -12.53 -14.66
CA ASP A 94 15.18 -13.86 -15.27
C ASP A 94 16.00 -14.88 -14.52
N GLY A 95 15.46 -16.09 -14.43
CA GLY A 95 16.14 -17.17 -13.73
C GLY A 95 15.96 -17.16 -12.23
N LEU A 96 14.92 -16.50 -11.74
CA LEU A 96 14.70 -16.33 -10.31
C LEU A 96 13.51 -17.18 -9.86
N ASP A 97 13.73 -18.03 -8.86
CA ASP A 97 12.64 -18.78 -8.25
C ASP A 97 11.86 -17.83 -7.37
N VAL A 98 10.64 -17.49 -7.78
CA VAL A 98 9.86 -16.46 -7.10
C VAL A 98 8.38 -16.82 -7.18
N CYS A 99 7.68 -16.67 -6.06
CA CYS A 99 6.23 -16.80 -6.01
C CYS A 99 5.63 -15.44 -6.30
N ARG A 100 4.94 -15.32 -7.42
CA ARG A 100 4.33 -14.07 -7.84
C ARG A 100 2.84 -14.11 -7.52
N PHE A 101 2.27 -12.93 -7.28
CA PHE A 101 0.85 -12.80 -6.94
C PHE A 101 0.10 -11.91 -7.93
N PRO A 102 -0.14 -12.37 -9.15
CA PRO A 102 -1.01 -11.61 -10.05
C PRO A 102 -2.47 -11.80 -9.68
N LEU A 103 -3.30 -10.86 -10.14
CA LEU A 103 -4.73 -10.99 -9.90
C LEU A 103 -5.31 -12.14 -10.71
N LEU A 104 -5.21 -12.06 -12.03
CA LEU A 104 -5.47 -13.19 -12.89
C LEU A 104 -4.20 -14.02 -12.98
N ASP A 105 -4.32 -15.33 -12.72
CA ASP A 105 -3.12 -16.15 -12.62
C ASP A 105 -2.54 -16.47 -14.00
N ALA A 106 -3.28 -16.22 -15.07
CA ALA A 106 -2.74 -16.37 -16.40
C ALA A 106 -1.78 -15.24 -16.78
N LEU A 107 -1.76 -14.15 -16.02
CA LEU A 107 -0.83 -13.04 -16.29
C LEU A 107 0.56 -13.44 -15.87
N ARG A 108 1.39 -13.79 -16.83
CA ARG A 108 2.79 -14.00 -16.54
C ARG A 108 3.58 -12.77 -16.94
N PRO A 109 4.57 -12.37 -16.14
CA PRO A 109 5.45 -11.28 -16.56
C PRO A 109 6.36 -11.72 -17.69
N LEU A 110 6.78 -10.73 -18.47
CA LEU A 110 7.67 -10.93 -19.61
C LEU A 110 9.09 -11.14 -19.11
N PRO A 111 10.05 -11.45 -20.00
CA PRO A 111 11.46 -11.32 -19.63
C PRO A 111 11.82 -9.92 -19.19
N LEU A 112 12.92 -9.82 -18.44
CA LEU A 112 13.38 -8.55 -17.90
C LEU A 112 13.75 -7.56 -19.00
N ASP A 113 14.25 -8.07 -20.13
CA ASP A 113 14.55 -7.21 -21.26
C ASP A 113 13.29 -6.59 -21.86
N TRP A 114 12.18 -7.30 -21.81
CA TRP A 114 10.92 -6.79 -22.33
C TRP A 114 10.10 -6.04 -21.30
N MET A 115 10.32 -6.29 -20.00
CA MET A 115 9.69 -5.48 -18.98
C MET A 115 10.31 -4.10 -18.88
N TYR A 116 11.51 -3.92 -19.43
CA TYR A 116 12.07 -2.58 -19.53
C TYR A 116 11.51 -1.85 -20.73
N LEU A 117 10.92 -2.59 -21.68
CA LEU A 117 10.23 -1.95 -22.80
C LEU A 117 8.80 -1.58 -22.43
N VAL A 118 8.15 -2.40 -21.61
CA VAL A 118 6.83 -2.06 -21.05
C VAL A 118 6.91 -0.78 -20.23
N TYR A 119 8.00 -0.60 -19.49
CA TYR A 119 8.15 0.58 -18.65
C TYR A 119 8.65 1.79 -19.42
N THR A 120 9.20 1.62 -20.62
CA THR A 120 9.55 2.80 -21.42
C THR A 120 8.44 3.16 -22.38
N ILE A 121 7.52 2.23 -22.64
CA ILE A 121 6.28 2.58 -23.32
C ILE A 121 5.36 3.32 -22.37
N MET A 122 5.31 2.87 -21.11
CA MET A 122 4.54 3.55 -20.08
C MET A 122 5.15 4.89 -19.73
N PHE A 123 6.45 5.08 -19.99
CA PHE A 123 7.07 6.37 -19.75
C PHE A 123 6.82 7.33 -20.90
N LEU A 124 6.83 6.84 -22.14
CA LEU A 124 6.42 7.67 -23.27
C LEU A 124 4.94 7.98 -23.24
N GLY A 125 4.15 7.06 -22.68
CA GLY A 125 2.73 7.34 -22.52
C GLY A 125 2.46 8.42 -21.50
N ALA A 126 3.19 8.40 -20.38
CA ALA A 126 3.05 9.45 -19.39
C ALA A 126 3.76 10.73 -19.80
N LEU A 127 4.61 10.66 -20.83
CA LEU A 127 5.25 11.88 -21.33
C LEU A 127 4.40 12.54 -22.41
N GLY A 128 3.73 11.74 -23.22
CA GLY A 128 2.82 12.28 -24.21
C GLY A 128 1.46 12.64 -23.64
N MET A 129 1.13 12.12 -22.46
CA MET A 129 -0.04 12.61 -21.74
C MET A 129 0.28 13.90 -21.01
N MET A 130 1.53 14.06 -20.56
CA MET A 130 1.94 15.30 -19.92
C MET A 130 1.98 16.45 -20.92
N LEU A 131 2.71 16.27 -22.02
CA LEU A 131 2.80 17.31 -23.05
C LEU A 131 1.53 17.43 -23.87
N GLY A 132 0.72 16.38 -23.93
CA GLY A 132 -0.41 16.39 -24.84
C GLY A 132 -0.01 16.04 -26.25
N LEU A 133 1.08 15.31 -26.42
CA LEU A 133 1.59 14.94 -27.74
C LEU A 133 1.02 13.59 -28.13
N CYS A 134 0.18 13.58 -29.18
CA CYS A 134 -0.57 12.41 -29.65
C CYS A 134 -1.35 11.78 -28.51
N TYR A 135 -2.30 12.55 -28.00
CA TYR A 135 -2.85 12.32 -26.66
C TYR A 135 -3.72 11.06 -26.61
N ARG A 136 -4.41 10.73 -27.69
CA ARG A 136 -5.18 9.49 -27.68
C ARG A 136 -4.27 8.28 -27.77
N ILE A 137 -3.19 8.40 -28.54
CA ILE A 137 -2.20 7.32 -28.62
C ILE A 137 -1.40 7.24 -27.34
N SER A 138 -1.01 8.39 -26.79
CA SER A 138 -0.19 8.39 -25.59
C SER A 138 -0.98 8.08 -24.33
N CYS A 139 -2.31 8.05 -24.40
CA CYS A 139 -3.06 7.62 -23.22
C CYS A 139 -3.13 6.11 -23.16
N VAL A 140 -3.30 5.43 -24.29
CA VAL A 140 -3.30 3.98 -24.27
C VAL A 140 -1.90 3.41 -24.25
N LEU A 141 -0.88 4.22 -24.49
CA LEU A 141 0.50 3.81 -24.23
C LEU A 141 0.85 3.90 -22.76
N PHE A 142 0.07 4.64 -21.97
CA PHE A 142 0.23 4.64 -20.53
C PHE A 142 -0.77 3.75 -19.83
N LEU A 143 -2.00 3.69 -20.32
CA LEU A 143 -3.05 2.93 -19.66
C LEU A 143 -2.79 1.44 -19.73
N LEU A 144 -2.37 0.95 -20.89
CA LEU A 144 -2.27 -0.49 -21.10
C LEU A 144 -1.08 -1.13 -20.37
N PRO A 145 0.14 -0.56 -20.35
CA PRO A 145 1.17 -1.17 -19.50
C PRO A 145 1.10 -0.79 -18.03
N TYR A 146 0.29 0.19 -17.63
CA TYR A 146 0.08 0.40 -16.20
C TYR A 146 -0.78 -0.71 -15.62
N TRP A 147 -1.92 -0.97 -16.24
CA TRP A 147 -2.81 -2.01 -15.75
C TRP A 147 -2.29 -3.40 -16.04
N TYR A 148 -1.28 -3.53 -16.89
CA TYR A 148 -0.58 -4.80 -16.97
C TYR A 148 0.31 -4.98 -15.74
N VAL A 149 1.06 -3.94 -15.39
CA VAL A 149 1.94 -3.98 -14.22
C VAL A 149 1.13 -4.01 -12.92
N PHE A 150 -0.01 -3.31 -12.88
CA PHE A 150 -0.82 -3.22 -11.67
C PHE A 150 -1.46 -4.56 -11.31
N LEU A 151 -1.95 -5.29 -12.30
CA LEU A 151 -2.56 -6.59 -12.04
C LEU A 151 -1.54 -7.72 -11.97
N LEU A 152 -0.27 -7.45 -12.26
CA LEU A 152 0.79 -8.44 -12.16
C LEU A 152 1.29 -8.66 -10.74
N ASP A 153 0.81 -7.88 -9.77
CA ASP A 153 1.25 -8.01 -8.38
C ASP A 153 0.12 -7.50 -7.52
N LYS A 154 -0.58 -8.40 -6.83
CA LYS A 154 -1.64 -8.01 -5.91
C LYS A 154 -1.10 -7.36 -4.65
N THR A 155 0.18 -7.53 -4.36
CA THR A 155 0.79 -7.00 -3.17
C THR A 155 1.30 -5.58 -3.35
N SER A 156 1.28 -5.07 -4.58
CA SER A 156 1.64 -3.69 -4.85
C SER A 156 0.42 -2.79 -4.95
N TRP A 157 -0.77 -3.32 -4.67
CA TRP A 157 -2.00 -2.56 -4.77
C TRP A 157 -2.10 -1.62 -3.59
N ASN A 158 -2.26 -0.33 -3.88
CA ASN A 158 -2.60 0.66 -2.88
C ASN A 158 -3.93 1.26 -3.27
N ASN A 159 -4.39 2.22 -2.48
CA ASN A 159 -5.54 3.01 -2.89
C ASN A 159 -5.14 4.15 -3.82
N HIS A 160 -3.86 4.42 -3.96
CA HIS A 160 -3.43 5.44 -4.91
C HIS A 160 -2.96 4.87 -6.22
N SER A 161 -2.28 3.73 -6.21
CA SER A 161 -1.86 3.13 -7.47
C SER A 161 -3.05 2.58 -8.24
N TYR A 162 -4.12 2.25 -7.51
CA TYR A 162 -5.41 1.99 -8.15
C TYR A 162 -6.00 3.26 -8.71
N LEU A 163 -5.87 4.39 -7.99
CA LEU A 163 -6.45 5.65 -8.42
C LEU A 163 -5.76 6.21 -9.67
N TYR A 164 -4.43 6.10 -9.75
CA TYR A 164 -3.72 6.59 -10.92
C TYR A 164 -4.08 5.81 -12.17
N GLY A 165 -4.49 4.56 -12.02
CA GLY A 165 -4.98 3.83 -13.16
C GLY A 165 -6.43 4.09 -13.46
N LEU A 166 -7.14 4.70 -12.51
CA LEU A 166 -8.50 5.16 -12.76
C LEU A 166 -8.49 6.53 -13.41
N LEU A 167 -7.63 7.42 -12.93
CA LEU A 167 -7.53 8.75 -13.52
C LEU A 167 -6.94 8.72 -14.93
N ALA A 168 -6.09 7.74 -15.22
CA ALA A 168 -5.59 7.59 -16.57
C ALA A 168 -6.57 6.85 -17.45
N PHE A 169 -7.53 6.14 -16.86
CA PHE A 169 -8.55 5.47 -17.66
C PHE A 169 -9.60 6.45 -18.14
N GLN A 170 -10.08 7.33 -17.25
CA GLN A 170 -11.01 8.38 -17.65
C GLN A 170 -10.40 9.30 -18.69
N LEU A 171 -9.16 9.75 -18.44
CA LEU A 171 -8.49 10.74 -19.29
C LEU A 171 -8.16 10.21 -20.68
N THR A 172 -8.29 8.90 -20.94
CA THR A 172 -8.19 8.39 -22.29
C THR A 172 -9.34 8.90 -23.15
N PHE A 173 -10.52 9.07 -22.55
CA PHE A 173 -11.72 9.47 -23.26
C PHE A 173 -12.01 10.95 -23.16
N MET A 174 -11.30 11.68 -22.31
CA MET A 174 -11.53 13.09 -22.14
C MET A 174 -10.73 13.88 -23.16
N ASP A 175 -11.21 15.08 -23.47
CA ASP A 175 -10.54 15.97 -24.41
C ASP A 175 -9.55 16.86 -23.66
N ALA A 176 -8.55 16.24 -23.06
CA ALA A 176 -7.63 17.00 -22.25
C ALA A 176 -6.51 17.66 -23.05
N ASN A 177 -6.35 17.31 -24.32
CA ASN A 177 -5.39 17.98 -25.18
C ASN A 177 -5.99 19.17 -25.89
N HIS A 178 -7.14 19.65 -25.42
CA HIS A 178 -7.85 20.76 -26.04
C HIS A 178 -7.36 22.10 -25.54
N TYR A 179 -6.31 22.13 -24.72
CA TYR A 179 -5.76 23.36 -24.18
C TYR A 179 -4.37 23.05 -23.68
N TRP A 180 -3.43 23.96 -23.94
CA TRP A 180 -2.05 23.90 -23.43
C TRP A 180 -1.37 22.57 -23.80
N SER A 181 -1.28 22.32 -25.09
CA SER A 181 -0.70 21.08 -25.56
C SER A 181 0.04 21.37 -26.87
N VAL A 182 0.94 20.45 -27.21
CA VAL A 182 1.57 20.55 -28.52
C VAL A 182 0.67 19.94 -29.59
N ASP A 183 -0.38 19.22 -29.19
CA ASP A 183 -1.43 18.87 -30.14
C ASP A 183 -2.17 20.10 -30.62
N GLY A 184 -2.28 21.12 -29.77
CA GLY A 184 -2.78 22.39 -30.23
C GLY A 184 -1.89 23.07 -31.24
N LEU A 185 -0.57 22.90 -31.09
CA LEU A 185 0.37 23.50 -32.02
C LEU A 185 0.41 22.77 -33.35
N LEU A 186 0.37 21.44 -33.33
CA LEU A 186 0.37 20.66 -34.58
C LEU A 186 -1.00 20.66 -35.25
N ASN A 187 -2.05 20.26 -34.53
CA ASN A 187 -3.40 20.22 -35.07
C ASN A 187 -4.12 21.50 -34.67
N ALA A 188 -4.66 22.21 -35.66
CA ALA A 188 -5.20 23.55 -35.40
C ALA A 188 -6.63 23.51 -34.85
N HIS A 189 -7.35 22.42 -35.04
CA HIS A 189 -8.72 22.33 -34.57
C HIS A 189 -8.83 21.78 -33.15
N ARG A 190 -7.73 21.27 -32.58
CA ARG A 190 -7.66 20.93 -31.18
C ARG A 190 -7.13 22.07 -30.33
N ARG A 191 -6.77 23.20 -30.95
CA ARG A 191 -6.13 24.29 -30.23
C ARG A 191 -7.20 25.16 -29.60
N ASN A 192 -7.28 25.10 -28.27
CA ASN A 192 -8.15 25.95 -27.44
C ASN A 192 -9.62 25.78 -27.80
N ALA A 193 -10.12 24.56 -27.71
CA ALA A 193 -11.47 24.22 -28.13
C ALA A 193 -12.25 23.63 -26.97
N HIS A 194 -13.57 23.69 -27.08
CA HIS A 194 -14.48 23.36 -25.98
C HIS A 194 -14.43 21.86 -25.65
N VAL A 195 -14.57 21.57 -24.36
CA VAL A 195 -14.69 20.20 -23.89
C VAL A 195 -16.11 20.01 -23.37
N PRO A 196 -16.66 18.80 -23.38
CA PRO A 196 -17.98 18.58 -22.80
C PRO A 196 -17.95 18.67 -21.29
N LEU A 197 -19.13 18.79 -20.70
CA LEU A 197 -19.23 18.90 -19.25
C LEU A 197 -18.88 17.59 -18.57
N TRP A 198 -19.07 16.47 -19.26
CA TRP A 198 -18.85 15.17 -18.64
C TRP A 198 -17.38 14.88 -18.38
N ASN A 199 -16.46 15.64 -18.97
CA ASN A 199 -15.05 15.49 -18.62
C ASN A 199 -14.76 16.03 -17.22
N TYR A 200 -15.62 16.89 -16.71
CA TYR A 200 -15.50 17.37 -15.34
C TYR A 200 -16.39 16.60 -14.39
N ALA A 201 -17.59 16.20 -14.83
CA ALA A 201 -18.50 15.47 -13.95
C ALA A 201 -18.00 14.07 -13.62
N VAL A 202 -17.14 13.51 -14.47
CA VAL A 202 -16.50 12.25 -14.12
C VAL A 202 -15.33 12.50 -13.18
N LEU A 203 -14.54 13.54 -13.46
CA LEU A 203 -13.36 13.81 -12.64
C LEU A 203 -13.74 14.37 -11.27
N ARG A 204 -14.74 15.26 -11.21
CA ARG A 204 -15.22 15.69 -9.90
C ARG A 204 -15.98 14.57 -9.20
N GLY A 205 -16.68 13.74 -9.96
CA GLY A 205 -17.38 12.62 -9.38
C GLY A 205 -16.46 11.54 -8.87
N GLN A 206 -15.26 11.44 -9.45
CA GLN A 206 -14.28 10.48 -8.95
C GLN A 206 -13.67 10.95 -7.64
N ILE A 207 -13.26 12.22 -7.57
CA ILE A 207 -12.62 12.75 -6.37
C ILE A 207 -13.63 12.89 -5.23
N PHE A 208 -14.92 13.08 -5.56
CA PHE A 208 -15.95 13.00 -4.52
C PHE A 208 -16.10 11.57 -4.02
N ILE A 209 -15.96 10.59 -4.90
CA ILE A 209 -16.10 9.20 -4.49
C ILE A 209 -14.87 8.76 -3.72
N VAL A 210 -13.69 9.28 -4.07
CA VAL A 210 -12.48 9.02 -3.30
C VAL A 210 -12.61 9.56 -1.88
N TYR A 211 -13.14 10.77 -1.74
CA TYR A 211 -13.26 11.40 -0.43
C TYR A 211 -14.38 10.78 0.39
N PHE A 212 -15.61 10.80 -0.13
CA PHE A 212 -16.79 10.48 0.67
C PHE A 212 -16.85 9.01 1.05
N ILE A 213 -16.47 8.10 0.15
CA ILE A 213 -16.48 6.68 0.47
C ILE A 213 -15.38 6.36 1.48
N ALA A 214 -14.28 7.11 1.46
CA ALA A 214 -13.28 6.97 2.51
C ALA A 214 -13.82 7.46 3.85
N GLY A 215 -14.79 8.37 3.84
CA GLY A 215 -15.35 8.86 5.09
C GLY A 215 -16.37 7.94 5.70
N VAL A 216 -16.94 7.03 4.91
CA VAL A 216 -17.85 6.06 5.50
C VAL A 216 -17.17 4.69 5.64
N LYS A 217 -15.96 4.53 5.10
CA LYS A 217 -15.11 3.43 5.53
C LYS A 217 -14.50 3.71 6.90
N LYS A 218 -14.45 4.98 7.30
CA LYS A 218 -13.93 5.39 8.59
C LYS A 218 -15.00 5.52 9.66
N LEU A 219 -16.21 5.03 9.39
CA LEU A 219 -17.22 4.88 10.42
C LEU A 219 -17.15 3.52 11.10
N ASP A 220 -16.10 2.76 10.83
CA ASP A 220 -15.85 1.51 11.51
C ASP A 220 -15.56 1.76 12.99
N ALA A 221 -15.81 0.75 13.82
CA ALA A 221 -15.62 0.88 15.26
C ALA A 221 -14.14 0.98 15.63
N ASP A 222 -13.23 0.58 14.74
CA ASP A 222 -11.81 0.75 14.99
C ASP A 222 -11.36 2.19 14.75
N TRP A 223 -12.14 2.97 14.02
CA TRP A 223 -11.75 4.35 13.72
C TRP A 223 -12.44 5.35 14.62
N VAL A 224 -13.74 5.18 14.89
CA VAL A 224 -14.47 6.17 15.68
C VAL A 224 -14.17 6.01 17.16
N GLU A 225 -13.51 4.91 17.55
CA GLU A 225 -13.06 4.74 18.91
C GLU A 225 -11.59 5.07 19.10
N GLY A 226 -10.88 5.46 18.05
CA GLY A 226 -9.52 5.91 18.19
C GLY A 226 -8.47 4.83 18.25
N TYR A 227 -8.64 3.75 17.49
CA TYR A 227 -7.67 2.64 17.54
C TYR A 227 -6.76 2.60 16.33
N SER A 228 -7.26 2.83 15.12
CA SER A 228 -6.43 2.84 13.93
C SER A 228 -5.71 4.18 13.83
N MET A 229 -4.39 4.13 13.56
CA MET A 229 -3.49 5.28 13.65
C MET A 229 -3.53 5.89 15.05
N GLU A 230 -3.28 5.06 16.06
CA GLU A 230 -3.19 5.56 17.43
C GLU A 230 -1.82 6.14 17.72
N TYR A 231 -0.81 5.77 16.94
CA TYR A 231 0.54 6.30 17.08
C TYR A 231 0.72 7.63 16.36
N LEU A 232 -0.26 8.07 15.57
CA LEU A 232 -0.03 9.15 14.62
C LEU A 232 0.07 10.51 15.26
N SER A 233 -0.56 10.71 16.43
CA SER A 233 -0.48 12.02 17.08
C SER A 233 0.87 12.30 17.73
N ARG A 234 1.74 11.29 17.82
CA ARG A 234 3.09 11.49 18.32
C ARG A 234 4.03 12.09 17.29
N HIS A 235 3.56 12.32 16.07
CA HIS A 235 4.33 13.04 15.07
C HIS A 235 4.43 14.52 15.46
N TRP A 236 5.45 15.18 14.95
CA TRP A 236 5.67 16.58 15.28
C TRP A 236 4.72 17.52 14.55
N LEU A 237 3.97 17.02 13.56
CA LEU A 237 3.06 17.87 12.81
C LEU A 237 1.73 18.09 13.54
N PHE A 238 1.45 17.30 14.58
CA PHE A 238 0.29 17.50 15.42
C PHE A 238 0.61 18.31 16.66
N SER A 239 1.67 19.09 16.63
CA SER A 239 2.13 19.88 17.77
C SER A 239 1.21 21.05 18.17
N PRO A 240 0.62 21.86 17.26
CA PRO A 240 -0.27 22.92 17.76
C PRO A 240 -1.58 22.42 18.35
N PHE A 241 -2.00 21.18 18.06
CA PHE A 241 -3.20 20.66 18.67
C PHE A 241 -2.97 20.20 20.10
N LYS A 242 -1.71 20.02 20.49
CA LYS A 242 -1.36 19.66 21.86
C LYS A 242 -1.51 20.84 22.82
N LEU A 243 -1.59 22.06 22.31
CA LEU A 243 -1.72 23.24 23.16
C LEU A 243 -3.09 23.33 23.82
N LEU A 244 -4.13 22.82 23.18
CA LEU A 244 -5.48 22.89 23.71
C LEU A 244 -6.00 21.54 24.19
N LEU A 245 -5.55 20.45 23.60
CA LEU A 245 -6.02 19.13 23.95
C LEU A 245 -4.87 18.29 24.50
N SER A 246 -5.21 17.20 25.18
CA SER A 246 -4.22 16.21 25.55
C SER A 246 -3.80 15.41 24.32
N GLU A 247 -2.70 14.66 24.46
CA GLU A 247 -2.28 13.81 23.35
C GLU A 247 -3.13 12.55 23.25
N GLU A 248 -3.78 12.16 24.36
CA GLU A 248 -4.79 11.11 24.29
C GLU A 248 -6.00 11.56 23.51
N LEU A 249 -6.29 12.86 23.52
CA LEU A 249 -7.46 13.42 22.86
C LEU A 249 -7.11 14.08 21.53
N THR A 250 -5.83 14.38 21.30
CA THR A 250 -5.40 14.80 19.97
C THR A 250 -5.50 13.66 18.97
N SER A 251 -5.16 12.44 19.40
CA SER A 251 -5.31 11.30 18.52
C SER A 251 -6.77 10.91 18.32
N LEU A 252 -7.64 11.27 19.25
CA LEU A 252 -9.05 10.90 19.10
C LEU A 252 -9.81 11.92 18.26
N LEU A 253 -9.57 13.22 18.49
CA LEU A 253 -10.33 14.24 17.78
C LEU A 253 -9.71 14.58 16.44
N VAL A 254 -8.42 14.96 16.44
CA VAL A 254 -7.81 15.51 15.24
C VAL A 254 -7.50 14.41 14.22
N VAL A 255 -7.04 13.26 14.70
CA VAL A 255 -6.66 12.19 13.77
C VAL A 255 -7.87 11.40 13.33
N HIS A 256 -8.74 11.02 14.28
CA HIS A 256 -9.81 10.08 13.99
C HIS A 256 -11.11 10.78 13.61
N TRP A 257 -11.53 11.74 14.43
CA TRP A 257 -12.76 12.47 14.12
C TRP A 257 -12.48 13.65 13.20
N GLY A 258 -11.21 14.09 13.12
CA GLY A 258 -10.87 15.14 12.19
C GLY A 258 -10.60 14.60 10.80
N GLY A 259 -10.19 13.34 10.69
CA GLY A 259 -10.11 12.69 9.39
C GLY A 259 -11.40 12.04 8.97
N LEU A 260 -12.32 11.83 9.90
CA LEU A 260 -13.66 11.41 9.54
C LEU A 260 -14.45 12.56 8.96
N LEU A 261 -14.56 13.67 9.71
CA LEU A 261 -15.36 14.81 9.30
C LEU A 261 -14.70 15.63 8.21
N LEU A 262 -13.50 15.28 7.78
CA LEU A 262 -12.98 15.86 6.55
C LEU A 262 -13.29 14.97 5.36
N ASP A 263 -13.05 13.66 5.47
CA ASP A 263 -13.33 12.74 4.37
C ASP A 263 -14.83 12.63 4.11
N LEU A 264 -15.65 12.74 5.15
CA LEU A 264 -17.10 12.73 4.96
C LEU A 264 -17.57 13.96 4.21
N SER A 265 -16.98 15.11 4.49
CA SER A 265 -17.41 16.38 3.93
C SER A 265 -16.29 17.11 3.20
N ALA A 266 -15.54 16.44 2.33
CA ALA A 266 -14.62 17.16 1.47
C ALA A 266 -15.26 17.43 0.11
N GLY A 267 -15.91 16.42 -0.46
CA GLY A 267 -16.57 16.61 -1.74
C GLY A 267 -17.86 17.38 -1.66
N PHE A 268 -18.37 17.61 -0.45
CA PHE A 268 -19.47 18.55 -0.27
C PHE A 268 -18.97 19.98 -0.12
N LEU A 269 -17.80 20.15 0.48
CA LEU A 269 -17.25 21.49 0.62
C LEU A 269 -16.65 21.98 -0.69
N LEU A 270 -15.99 21.09 -1.43
CA LEU A 270 -15.35 21.49 -2.68
C LEU A 270 -16.36 21.78 -3.78
N PHE A 271 -17.53 21.15 -3.75
CA PHE A 271 -18.50 21.28 -4.82
C PHE A 271 -19.17 22.64 -4.82
N PHE A 272 -19.81 23.00 -3.71
CA PHE A 272 -20.61 24.22 -3.66
C PHE A 272 -19.72 25.47 -3.62
N ASP A 273 -20.25 26.56 -4.17
CA ASP A 273 -19.46 27.78 -4.31
C ASP A 273 -19.30 28.53 -2.99
N VAL A 274 -20.29 28.42 -2.11
CA VAL A 274 -20.26 29.17 -0.85
C VAL A 274 -19.19 28.63 0.10
N SER A 275 -18.82 27.36 -0.02
CA SER A 275 -17.90 26.74 0.92
C SER A 275 -16.68 26.14 0.25
N ARG A 276 -16.31 26.58 -0.96
CA ARG A 276 -15.18 25.97 -1.63
C ARG A 276 -13.85 26.46 -1.07
N SER A 277 -13.74 27.76 -0.79
CA SER A 277 -12.48 28.29 -0.28
C SER A 277 -12.20 27.83 1.14
N ILE A 278 -13.24 27.57 1.92
CA ILE A 278 -13.08 26.87 3.19
C ILE A 278 -12.74 25.41 2.93
N GLY A 279 -13.35 24.81 1.91
CA GLY A 279 -13.07 23.43 1.59
C GLY A 279 -11.75 23.20 0.90
N LEU A 280 -11.30 24.17 0.08
CA LEU A 280 -9.99 24.04 -0.56
C LEU A 280 -8.86 24.18 0.45
N PHE A 281 -9.05 24.96 1.51
CA PHE A 281 -8.00 25.09 2.51
C PHE A 281 -7.90 23.85 3.38
N PHE A 282 -9.04 23.23 3.70
CA PHE A 282 -9.03 22.06 4.56
C PHE A 282 -8.52 20.82 3.82
N VAL A 283 -8.71 20.73 2.50
CA VAL A 283 -8.17 19.59 1.77
C VAL A 283 -6.79 19.87 1.20
N SER A 284 -6.30 21.11 1.28
CA SER A 284 -4.90 21.34 0.97
C SER A 284 -4.03 21.04 2.18
N TYR A 285 -4.53 21.38 3.37
CA TYR A 285 -3.82 21.04 4.60
C TYR A 285 -3.84 19.54 4.86
N PHE A 286 -4.94 18.87 4.53
CA PHE A 286 -5.06 17.44 4.77
C PHE A 286 -4.13 16.63 3.86
N HIS A 287 -3.75 17.21 2.72
CA HIS A 287 -2.84 16.52 1.82
C HIS A 287 -1.41 17.01 1.95
N CYS A 288 -1.18 18.16 2.58
CA CYS A 288 0.19 18.51 2.92
C CYS A 288 0.63 17.85 4.22
N MET A 289 -0.33 17.47 5.07
CA MET A 289 0.00 16.66 6.23
C MET A 289 0.34 15.24 5.83
N ASN A 290 -0.51 14.61 5.01
CA ASN A 290 -0.31 13.22 4.61
C ASN A 290 0.85 13.03 3.67
N SER A 291 1.40 14.10 3.10
CA SER A 291 2.62 13.98 2.30
C SER A 291 3.83 13.73 3.19
N GLN A 292 3.75 14.08 4.47
CA GLN A 292 4.86 13.89 5.39
C GLN A 292 4.58 12.85 6.45
N LEU A 293 3.32 12.67 6.84
CA LEU A 293 2.95 11.64 7.82
C LEU A 293 3.15 10.24 7.26
N PHE A 294 2.95 10.07 5.95
CA PHE A 294 3.05 8.77 5.30
C PHE A 294 3.87 8.91 4.04
N SER A 295 4.51 7.80 3.64
CA SER A 295 5.21 7.73 2.36
C SER A 295 4.32 6.94 1.41
N ILE A 296 3.37 7.63 0.81
CA ILE A 296 2.38 7.01 -0.06
C ILE A 296 2.56 7.43 -1.52
N GLY A 297 3.76 7.80 -1.91
CA GLY A 297 4.01 8.11 -3.30
C GLY A 297 3.54 9.50 -3.65
N MET A 298 2.84 9.62 -4.77
CA MET A 298 2.35 10.89 -5.27
C MET A 298 0.88 11.12 -4.94
N PHE A 299 0.33 10.35 -3.98
CA PHE A 299 -1.08 10.43 -3.64
C PHE A 299 -1.45 11.80 -3.10
N SER A 300 -0.57 12.39 -2.30
CA SER A 300 -0.86 13.67 -1.71
C SER A 300 -0.66 14.82 -2.69
N TYR A 301 -0.03 14.55 -3.84
CA TYR A 301 0.15 15.57 -4.86
C TYR A 301 -0.79 15.36 -6.04
N VAL A 302 -1.29 14.14 -6.23
CA VAL A 302 -2.34 13.91 -7.22
C VAL A 302 -3.68 14.41 -6.69
N MET A 303 -3.95 14.19 -5.40
CA MET A 303 -5.17 14.71 -4.80
C MET A 303 -5.10 16.21 -4.54
N LEU A 304 -3.91 16.79 -4.59
CA LEU A 304 -3.80 18.25 -4.52
C LEU A 304 -3.99 18.88 -5.89
N ALA A 305 -3.55 18.20 -6.95
CA ALA A 305 -3.74 18.67 -8.31
C ALA A 305 -5.15 18.39 -8.82
N SER A 306 -5.92 17.56 -8.13
CA SER A 306 -7.27 17.20 -8.55
C SER A 306 -8.33 18.09 -7.92
N SER A 307 -8.13 18.55 -6.70
CA SER A 307 -9.06 19.43 -6.02
C SER A 307 -9.35 20.78 -6.69
N PRO A 308 -8.51 21.34 -7.58
CA PRO A 308 -8.99 22.44 -8.40
C PRO A 308 -9.88 22.05 -9.57
N LEU A 309 -10.22 20.77 -9.78
CA LEU A 309 -11.24 20.47 -10.78
C LEU A 309 -12.62 20.87 -10.31
N PHE A 310 -12.82 20.99 -9.01
CA PHE A 310 -14.10 21.44 -8.45
C PHE A 310 -14.31 22.94 -8.61
N CYS A 311 -13.25 23.69 -8.93
CA CYS A 311 -13.38 25.11 -9.17
C CYS A 311 -14.03 25.37 -10.53
N SER A 312 -14.17 26.65 -10.86
CA SER A 312 -14.72 27.02 -12.15
C SER A 312 -13.71 26.69 -13.24
N PRO A 313 -14.15 26.10 -14.36
CA PRO A 313 -13.20 25.59 -15.37
C PRO A 313 -12.41 26.65 -16.11
N GLU A 314 -12.67 27.92 -15.87
CA GLU A 314 -11.94 29.01 -16.50
C GLU A 314 -10.72 29.43 -15.72
N TRP A 315 -10.47 28.81 -14.54
CA TRP A 315 -9.45 29.31 -13.61
C TRP A 315 -8.00 29.33 -14.11
N PRO A 316 -7.55 28.52 -15.08
CA PRO A 316 -6.23 28.82 -15.66
C PRO A 316 -6.22 30.07 -16.50
N ARG A 317 -7.33 30.44 -17.15
CA ARG A 317 -7.37 31.70 -17.87
C ARG A 317 -7.46 32.88 -16.94
N LYS A 318 -7.99 32.68 -15.73
CA LYS A 318 -8.09 33.76 -14.75
C LYS A 318 -6.78 34.00 -14.01
N LEU A 319 -5.79 33.12 -14.18
CA LEU A 319 -4.45 33.37 -13.66
C LEU A 319 -3.46 33.72 -14.76
N VAL A 320 -3.75 33.34 -15.99
CA VAL A 320 -2.95 33.77 -17.13
C VAL A 320 -3.07 35.28 -17.33
N SER A 321 -4.28 35.83 -17.12
CA SER A 321 -4.49 37.26 -17.32
C SER A 321 -3.88 38.12 -16.23
N TYR A 322 -3.45 37.53 -15.11
CA TYR A 322 -2.94 38.30 -13.98
C TYR A 322 -1.44 38.53 -14.04
N CYS A 323 -0.76 37.99 -15.04
CA CYS A 323 0.68 38.09 -15.18
C CYS A 323 1.06 39.24 -16.12
N PRO A 324 2.34 39.64 -16.15
CA PRO A 324 2.80 40.62 -17.15
C PRO A 324 2.58 40.17 -18.60
N ARG A 325 2.68 41.15 -19.50
CA ARG A 325 1.94 41.11 -20.77
C ARG A 325 2.65 40.27 -21.83
N ARG A 326 3.99 40.30 -21.86
CA ARG A 326 4.67 39.50 -22.87
C ARG A 326 5.05 38.11 -22.36
N LEU A 327 4.63 37.79 -21.12
CA LEU A 327 4.90 36.47 -20.56
C LEU A 327 3.98 35.39 -21.12
N GLN A 328 2.79 35.76 -21.60
CA GLN A 328 1.79 34.77 -21.95
C GLN A 328 1.98 34.15 -23.32
N GLN A 329 3.05 34.49 -24.04
CA GLN A 329 3.34 33.76 -25.27
C GLN A 329 4.09 32.47 -25.01
N LEU A 330 4.67 32.33 -23.81
CA LEU A 330 5.12 31.02 -23.34
C LEU A 330 4.02 30.27 -22.60
N LEU A 331 3.04 31.00 -22.06
CA LEU A 331 1.88 30.41 -21.46
C LEU A 331 0.87 30.03 -22.53
N PRO A 332 -0.17 29.22 -22.21
CA PRO A 332 -1.22 28.98 -23.20
C PRO A 332 -2.09 30.21 -23.45
N LEU A 333 -3.01 30.08 -24.42
CA LEU A 333 -3.76 31.23 -24.89
C LEU A 333 -4.82 31.66 -23.88
N LYS A 334 -5.04 32.96 -23.77
CA LYS A 334 -6.04 33.53 -22.88
C LYS A 334 -7.33 33.88 -23.61
N ALA A 335 -7.44 33.54 -24.88
CA ALA A 335 -8.63 33.87 -25.65
C ALA A 335 -9.81 32.99 -25.23
N ALA A 336 -10.99 33.35 -25.73
CA ALA A 336 -12.16 32.52 -25.54
C ALA A 336 -11.99 31.23 -26.35
N PRO A 337 -12.51 30.10 -25.87
CA PRO A 337 -12.33 28.85 -26.61
C PRO A 337 -13.15 28.82 -27.89
N GLN A 338 -12.56 28.27 -28.93
CA GLN A 338 -13.25 28.09 -30.18
C GLN A 338 -14.25 26.94 -30.04
N PRO A 339 -15.29 26.89 -30.88
CA PRO A 339 -16.23 25.77 -30.81
C PRO A 339 -15.59 24.44 -31.18
N SER A 340 -16.20 23.37 -30.70
CA SER A 340 -15.70 22.03 -30.91
C SER A 340 -16.81 21.11 -31.38
N VAL A 341 -16.39 20.01 -32.02
CA VAL A 341 -17.33 18.98 -32.46
C VAL A 341 -17.79 18.11 -31.29
N SER A 342 -17.04 18.12 -30.18
CA SER A 342 -17.25 17.20 -29.09
C SER A 342 -18.36 17.63 -28.14
N CYS A 343 -18.99 18.78 -28.37
CA CYS A 343 -19.99 19.31 -27.46
C CYS A 343 -21.35 19.37 -28.14
N VAL A 344 -22.37 19.68 -27.34
CA VAL A 344 -23.73 19.85 -27.82
C VAL A 344 -24.12 21.30 -27.56
N TYR A 345 -24.43 22.03 -28.63
CA TYR A 345 -24.64 23.47 -28.55
C TYR A 345 -26.13 23.79 -28.65
N LYS A 346 -26.50 24.97 -28.18
CA LYS A 346 -27.87 25.43 -28.27
C LYS A 346 -28.08 26.27 -29.54
N ARG A 347 -29.32 26.29 -30.01
CA ARG A 347 -29.66 27.06 -31.20
C ARG A 347 -30.83 27.99 -30.92
N GLN A 354 -29.45 21.34 -32.14
CA GLN A 354 -28.49 20.31 -32.53
C GLN A 354 -28.85 18.97 -31.89
N LYS A 355 -29.14 17.99 -32.73
CA LYS A 355 -29.38 16.65 -32.21
C LYS A 355 -28.05 16.02 -31.82
N PRO A 356 -27.94 15.48 -30.61
CA PRO A 356 -26.66 14.93 -30.16
C PRO A 356 -26.33 13.61 -30.84
N GLY A 357 -25.14 13.55 -31.41
CA GLY A 357 -24.67 12.38 -32.14
C GLY A 357 -24.30 11.23 -31.24
N LEU A 358 -23.62 10.25 -31.83
CA LEU A 358 -23.31 9.03 -31.09
C LEU A 358 -22.19 9.25 -30.10
N ARG A 359 -21.31 10.22 -30.34
CA ARG A 359 -20.25 10.50 -29.37
C ARG A 359 -20.79 11.16 -28.13
N HIS A 360 -21.80 12.01 -28.26
CA HIS A 360 -22.34 12.73 -27.11
C HIS A 360 -23.16 11.82 -26.22
N GLN A 361 -23.74 10.77 -26.80
CA GLN A 361 -24.47 9.80 -25.99
C GLN A 361 -23.53 8.80 -25.32
N LEU A 362 -22.28 8.72 -25.79
CA LEU A 362 -21.30 7.88 -25.12
C LEU A 362 -20.56 8.63 -24.02
N GLY A 363 -20.88 9.91 -23.83
CA GLY A 363 -20.33 10.64 -22.71
C GLY A 363 -21.30 10.78 -21.57
N ALA A 364 -22.60 10.79 -21.87
CA ALA A 364 -23.60 10.71 -20.81
C ALA A 364 -23.81 9.28 -20.35
N ALA A 365 -23.33 8.30 -21.12
CA ALA A 365 -23.37 6.92 -20.66
C ALA A 365 -22.13 6.57 -19.85
N PHE A 366 -20.96 7.05 -20.26
CA PHE A 366 -19.74 6.81 -19.50
C PHE A 366 -19.76 7.55 -18.16
N THR A 367 -20.51 8.63 -18.04
CA THR A 367 -20.56 9.34 -16.77
C THR A 367 -21.45 8.61 -15.77
N LEU A 368 -22.60 8.13 -16.21
CA LEU A 368 -23.53 7.49 -15.28
C LEU A 368 -23.11 6.06 -14.97
N LEU A 369 -22.57 5.33 -15.94
CA LEU A 369 -22.22 3.93 -15.69
C LEU A 369 -20.96 3.80 -14.86
N TYR A 370 -19.97 4.64 -15.12
CA TYR A 370 -18.69 4.52 -14.42
C TYR A 370 -18.78 5.10 -13.02
N LEU A 371 -19.56 6.17 -12.80
CA LEU A 371 -19.77 6.65 -11.44
C LEU A 371 -20.80 5.83 -10.69
N LEU A 372 -21.44 4.86 -11.35
CA LEU A 372 -22.19 3.84 -10.64
C LEU A 372 -21.28 2.73 -10.14
N GLU A 373 -20.35 2.28 -10.99
CA GLU A 373 -19.48 1.19 -10.55
C GLU A 373 -18.36 1.69 -9.66
N GLN A 374 -18.13 3.01 -9.64
CA GLN A 374 -17.22 3.56 -8.65
C GLN A 374 -17.86 3.70 -7.29
N LEU A 375 -19.19 3.75 -7.23
CA LEU A 375 -19.89 3.71 -5.97
C LEU A 375 -20.15 2.29 -5.51
N PHE A 376 -20.07 1.32 -6.41
CA PHE A 376 -20.41 -0.07 -6.12
C PHE A 376 -19.22 -0.90 -5.70
N LEU A 377 -18.07 -0.78 -6.37
CA LEU A 377 -16.92 -1.63 -6.05
C LEU A 377 -16.34 -1.50 -4.64
N PRO A 378 -16.37 -0.35 -3.95
CA PRO A 378 -16.05 -0.39 -2.51
C PRO A 378 -17.05 -1.17 -1.66
N TYR A 379 -18.23 -1.50 -2.19
CA TYR A 379 -19.23 -2.28 -1.48
C TYR A 379 -19.63 -3.53 -2.26
N SER A 380 -18.79 -3.97 -3.19
CA SER A 380 -19.03 -5.20 -3.93
C SER A 380 -18.47 -6.42 -3.23
N HIS A 381 -18.30 -6.34 -1.91
CA HIS A 381 -17.62 -7.38 -1.14
C HIS A 381 -18.52 -8.56 -0.81
N PHE A 382 -19.83 -8.43 -0.98
CA PHE A 382 -20.71 -9.59 -0.87
C PHE A 382 -20.63 -10.49 -2.10
N LEU A 383 -20.08 -9.98 -3.20
CA LEU A 383 -19.94 -10.74 -4.45
C LEU A 383 -18.64 -11.52 -4.49
N THR A 384 -17.51 -10.85 -4.30
CA THR A 384 -16.20 -11.52 -4.25
C THR A 384 -15.90 -11.84 -2.80
N GLN A 385 -16.53 -12.90 -2.30
CA GLN A 385 -16.35 -13.35 -0.93
C GLN A 385 -15.16 -14.27 -0.76
N GLY A 386 -14.56 -14.75 -1.84
CA GLY A 386 -13.32 -15.48 -1.73
C GLY A 386 -12.12 -14.62 -1.43
N TYR A 387 -12.24 -13.32 -1.66
CA TYR A 387 -11.22 -12.35 -1.32
C TYR A 387 -11.42 -11.78 0.07
N ASN A 388 -12.44 -12.26 0.79
CA ASN A 388 -12.82 -11.70 2.07
C ASN A 388 -12.08 -12.39 3.21
N ASN A 389 -11.53 -11.59 4.10
CA ASN A 389 -10.79 -12.04 5.28
C ASN A 389 -11.31 -11.17 6.41
N TRP A 390 -10.51 -11.05 7.48
CA TRP A 390 -10.75 -10.15 8.61
C TRP A 390 -11.17 -8.74 8.21
N THR A 391 -10.57 -8.20 7.14
CA THR A 391 -11.09 -7.03 6.47
C THR A 391 -11.77 -7.46 5.18
N ASN A 392 -12.83 -6.73 4.81
CA ASN A 392 -13.62 -7.08 3.63
C ASN A 392 -12.83 -6.79 2.36
N GLY A 393 -12.72 -7.81 1.50
CA GLY A 393 -12.18 -7.62 0.17
C GLY A 393 -10.69 -7.46 0.12
N LEU A 394 -10.18 -7.57 -1.10
CA LEU A 394 -8.78 -7.35 -1.41
C LEU A 394 -8.44 -5.87 -1.22
N TYR A 395 -7.18 -5.61 -0.87
CA TYR A 395 -6.79 -4.24 -0.60
C TYR A 395 -6.55 -3.47 -1.90
N GLY A 396 -6.98 -2.22 -1.92
CA GLY A 396 -6.66 -1.33 -3.01
C GLY A 396 -7.82 -0.56 -3.59
N TYR A 397 -9.00 -1.17 -3.64
CA TYR A 397 -10.11 -0.61 -4.38
C TYR A 397 -11.29 -0.18 -3.51
N SER A 398 -11.11 -0.06 -2.19
CA SER A 398 -12.23 0.19 -1.30
C SER A 398 -12.12 1.50 -0.53
N TRP A 399 -11.04 2.26 -0.73
CA TRP A 399 -10.81 3.58 -0.13
C TRP A 399 -10.78 3.55 1.39
N ASP A 400 -10.43 2.41 2.00
CA ASP A 400 -10.28 2.33 3.44
C ASP A 400 -8.82 2.48 3.85
N MET A 401 -8.28 3.67 3.62
CA MET A 401 -6.89 3.94 3.94
C MET A 401 -6.72 4.10 5.44
N MET A 402 -5.69 3.43 5.99
CA MET A 402 -5.27 3.48 7.39
C MET A 402 -6.34 3.01 8.38
N VAL A 403 -7.38 2.31 7.91
CA VAL A 403 -8.46 1.92 8.81
C VAL A 403 -8.08 0.64 9.55
N HIS A 404 -7.21 -0.19 8.97
CA HIS A 404 -6.82 -1.46 9.57
C HIS A 404 -5.31 -1.60 9.50
N SER A 405 -4.67 -1.69 10.66
CA SER A 405 -3.23 -1.87 10.75
C SER A 405 -2.93 -3.15 11.52
N ARG A 406 -2.00 -3.94 11.01
CA ARG A 406 -1.74 -5.29 11.49
C ARG A 406 -0.37 -5.37 12.15
N SER A 407 -0.19 -6.43 12.94
CA SER A 407 1.09 -6.73 13.55
C SER A 407 1.18 -8.24 13.71
N HIS A 408 2.13 -8.85 13.03
CA HIS A 408 2.27 -10.30 12.97
C HIS A 408 3.20 -10.76 14.07
N GLN A 409 2.81 -11.81 14.78
CA GLN A 409 3.66 -12.33 15.85
C GLN A 409 4.53 -13.49 15.37
N HIS A 410 3.95 -14.40 14.58
CA HIS A 410 4.61 -15.67 14.32
C HIS A 410 4.05 -16.28 13.05
N VAL A 411 4.94 -16.63 12.12
CA VAL A 411 4.60 -17.38 10.93
C VAL A 411 5.37 -18.68 10.96
N LYS A 412 4.65 -19.81 10.92
CA LYS A 412 5.27 -21.12 10.89
C LYS A 412 4.75 -21.86 9.67
N ILE A 413 5.61 -22.07 8.69
CA ILE A 413 5.24 -22.75 7.45
C ILE A 413 5.83 -24.15 7.51
N THR A 414 4.96 -25.15 7.50
CA THR A 414 5.35 -26.54 7.68
C THR A 414 5.03 -27.33 6.42
N TYR A 415 6.06 -27.78 5.72
CA TYR A 415 5.85 -28.70 4.63
C TYR A 415 5.82 -30.13 5.17
N ARG A 416 5.57 -31.07 4.27
CA ARG A 416 5.49 -32.49 4.62
C ARG A 416 5.69 -33.27 3.34
N ASP A 417 6.75 -34.07 3.28
CA ASP A 417 7.13 -34.72 2.04
C ASP A 417 6.11 -35.80 1.67
N GLY A 418 5.88 -35.96 0.37
CA GLY A 418 4.83 -36.83 -0.10
C GLY A 418 5.19 -38.30 -0.07
N ARG A 419 6.44 -38.66 -0.33
CA ARG A 419 6.80 -40.06 -0.38
C ARG A 419 7.47 -40.55 0.90
N THR A 420 7.97 -39.64 1.74
CA THR A 420 8.52 -40.03 3.03
C THR A 420 7.62 -39.72 4.21
N GLY A 421 7.11 -38.49 4.30
CA GLY A 421 6.46 -38.04 5.52
C GLY A 421 7.35 -37.26 6.45
N GLU A 422 8.47 -36.72 5.95
CA GLU A 422 9.34 -35.87 6.74
C GLU A 422 8.64 -34.55 7.05
N LEU A 423 8.20 -34.38 8.28
CA LEU A 423 7.62 -33.12 8.68
C LEU A 423 8.73 -32.09 8.85
N GLY A 424 8.88 -31.21 7.85
CA GLY A 424 9.91 -30.21 7.87
C GLY A 424 9.29 -28.83 7.85
N TYR A 425 10.14 -27.82 8.01
CA TYR A 425 9.69 -26.46 8.26
C TYR A 425 10.39 -25.52 7.28
N LEU A 426 9.60 -24.72 6.57
CA LEU A 426 10.14 -23.77 5.63
C LEU A 426 10.45 -22.45 6.32
N ASN A 427 11.28 -21.64 5.67
CA ASN A 427 11.46 -20.27 6.09
C ASN A 427 10.15 -19.52 5.90
N PRO A 428 9.85 -18.53 6.74
CA PRO A 428 8.55 -17.85 6.64
C PRO A 428 8.34 -17.06 5.35
N GLY A 429 9.39 -16.63 4.66
CA GLY A 429 9.18 -15.77 3.50
C GLY A 429 9.95 -16.13 2.25
N VAL A 430 10.03 -17.42 1.89
CA VAL A 430 11.11 -17.97 1.05
C VAL A 430 11.24 -17.33 -0.32
N PHE A 431 10.24 -17.50 -1.17
CA PHE A 431 10.33 -17.04 -2.54
C PHE A 431 9.50 -15.81 -2.81
N THR A 432 8.90 -15.23 -1.79
CA THR A 432 8.05 -14.07 -1.96
C THR A 432 8.87 -12.80 -1.90
N GLN A 433 8.42 -11.80 -2.65
CA GLN A 433 9.00 -10.47 -2.61
C GLN A 433 8.13 -9.51 -1.80
N SER A 434 7.25 -10.04 -0.95
CA SER A 434 6.29 -9.24 -0.20
C SER A 434 5.83 -10.01 1.02
N ARG A 435 5.20 -9.29 1.95
CA ARG A 435 4.64 -9.90 3.15
C ARG A 435 3.13 -9.73 3.23
N ARG A 436 2.45 -9.51 2.11
CA ARG A 436 1.02 -9.31 2.16
C ARG A 436 0.23 -10.61 1.99
N TRP A 437 0.91 -11.70 1.64
CA TRP A 437 0.23 -12.98 1.44
C TRP A 437 -0.29 -13.59 2.73
N LYS A 438 0.19 -13.14 3.90
CA LYS A 438 -0.19 -13.75 5.16
C LYS A 438 -1.45 -13.16 5.75
N ASP A 439 -2.01 -12.14 5.10
CA ASP A 439 -3.28 -11.54 5.49
C ASP A 439 -4.43 -12.00 4.63
N HIS A 440 -4.14 -12.50 3.43
CA HIS A 440 -5.15 -12.68 2.41
C HIS A 440 -5.17 -14.15 2.01
N ALA A 441 -6.36 -14.74 2.02
CA ALA A 441 -6.50 -16.16 1.70
C ALA A 441 -6.34 -16.46 0.22
N ASP A 442 -6.59 -15.48 -0.67
CA ASP A 442 -6.35 -15.70 -2.09
C ASP A 442 -4.86 -15.79 -2.39
N MET A 443 -4.05 -15.06 -1.64
CA MET A 443 -2.61 -15.04 -1.87
C MET A 443 -1.92 -16.20 -1.19
N LEU A 444 -2.49 -16.69 -0.09
CA LEU A 444 -1.94 -17.88 0.57
C LEU A 444 -2.16 -19.12 -0.28
N LYS A 445 -3.28 -19.18 -1.00
CA LYS A 445 -3.51 -20.27 -1.93
C LYS A 445 -2.59 -20.14 -3.14
N GLN A 446 -2.21 -18.91 -3.50
CA GLN A 446 -1.22 -18.72 -4.56
C GLN A 446 0.18 -19.08 -4.09
N TYR A 447 0.50 -18.76 -2.83
CA TYR A 447 1.82 -19.09 -2.29
C TYR A 447 1.96 -20.59 -2.05
N ALA A 448 0.90 -21.24 -1.58
CA ALA A 448 0.97 -22.68 -1.35
C ALA A 448 1.02 -23.46 -2.65
N THR A 449 0.41 -22.94 -3.72
CA THR A 449 0.50 -23.58 -5.02
C THR A 449 1.87 -23.38 -5.64
N CYS A 450 2.41 -22.16 -5.54
CA CYS A 450 3.73 -21.86 -6.09
C CYS A 450 4.82 -22.61 -5.33
N LEU A 451 4.62 -22.82 -4.03
CA LEU A 451 5.58 -23.62 -3.28
C LEU A 451 5.44 -25.10 -3.58
N SER A 452 4.31 -25.53 -4.12
CA SER A 452 4.16 -26.94 -4.48
C SER A 452 4.94 -27.32 -5.73
N ARG A 453 5.27 -26.35 -6.59
CA ARG A 453 6.04 -26.63 -7.79
C ARG A 453 7.48 -26.18 -7.67
N LEU A 454 7.82 -25.37 -6.67
CA LEU A 454 9.19 -24.90 -6.50
C LEU A 454 10.00 -25.79 -5.57
N LEU A 455 9.36 -26.35 -4.55
CA LEU A 455 9.98 -27.31 -3.63
C LEU A 455 10.51 -28.62 -4.21
N PRO A 456 10.01 -29.17 -5.33
CA PRO A 456 10.73 -30.30 -5.95
C PRO A 456 12.12 -29.97 -6.48
N LYS A 457 12.50 -28.70 -6.58
CA LYS A 457 13.91 -28.38 -6.83
C LYS A 457 14.75 -28.49 -5.57
N TYR A 458 14.15 -28.77 -4.42
CA TYR A 458 14.84 -28.92 -3.15
C TYR A 458 14.48 -30.23 -2.47
N ASN A 459 14.15 -31.24 -3.28
CA ASN A 459 13.90 -32.63 -2.87
C ASN A 459 12.71 -32.77 -1.92
N VAL A 460 11.65 -32.00 -2.17
CA VAL A 460 10.34 -32.24 -1.56
C VAL A 460 9.39 -32.61 -2.69
N THR A 461 8.94 -33.86 -2.71
CA THR A 461 8.34 -34.43 -3.91
C THR A 461 6.95 -33.85 -4.18
N GLU A 462 6.03 -34.00 -3.24
CA GLU A 462 4.76 -33.29 -3.29
C GLU A 462 4.40 -32.85 -1.87
N PRO A 463 4.57 -31.57 -1.57
CA PRO A 463 4.44 -31.13 -0.18
C PRO A 463 2.99 -30.99 0.26
N GLN A 464 2.78 -31.08 1.56
CA GLN A 464 1.54 -30.68 2.21
C GLN A 464 1.88 -29.53 3.13
N ILE A 465 1.53 -28.32 2.73
CA ILE A 465 2.02 -27.10 3.36
C ILE A 465 0.95 -26.53 4.26
N TYR A 466 1.30 -26.27 5.51
CA TYR A 466 0.40 -25.75 6.53
C TYR A 466 0.93 -24.42 7.02
N PHE A 467 0.08 -23.40 7.01
CA PHE A 467 0.47 -22.04 7.38
C PHE A 467 -0.12 -21.72 8.74
N ASP A 468 0.74 -21.29 9.66
CA ASP A 468 0.37 -20.99 11.04
C ASP A 468 0.77 -19.54 11.29
N ILE A 469 -0.14 -18.62 10.98
CA ILE A 469 0.17 -17.20 10.96
C ILE A 469 -0.67 -16.51 12.03
N TRP A 470 0.00 -15.74 12.89
CA TRP A 470 -0.63 -15.08 14.03
C TRP A 470 -0.65 -13.57 13.79
N VAL A 471 -1.85 -13.03 13.56
CA VAL A 471 -2.03 -11.61 13.28
C VAL A 471 -2.95 -11.03 14.34
N SER A 472 -2.65 -9.80 14.77
CA SER A 472 -3.57 -9.01 15.58
C SER A 472 -3.81 -7.69 14.86
N ILE A 473 -5.07 -7.40 14.58
CA ILE A 473 -5.46 -6.21 13.82
C ILE A 473 -6.00 -5.18 14.80
N ASN A 474 -5.41 -3.98 14.75
CA ASN A 474 -5.75 -2.84 15.60
C ASN A 474 -5.63 -3.16 17.10
N ASP A 475 -4.41 -3.58 17.48
CA ASP A 475 -3.98 -3.79 18.87
C ASP A 475 -4.81 -4.86 19.58
N ARG A 476 -5.35 -5.81 18.83
CA ARG A 476 -6.23 -6.83 19.40
C ARG A 476 -5.40 -7.97 19.99
N PHE A 477 -6.09 -9.03 20.41
CA PHE A 477 -5.45 -10.29 20.75
C PHE A 477 -4.82 -10.90 19.51
N GLN A 478 -3.64 -11.48 19.68
CA GLN A 478 -3.03 -12.24 18.59
C GLN A 478 -3.74 -13.57 18.47
N GLN A 479 -4.20 -13.88 17.26
CA GLN A 479 -4.83 -15.15 16.99
C GLN A 479 -4.42 -15.61 15.61
N ARG A 480 -4.67 -16.89 15.33
CA ARG A 480 -4.45 -17.41 14.00
C ARG A 480 -5.47 -16.81 13.04
N ILE A 481 -5.00 -16.40 11.87
CA ILE A 481 -5.93 -15.95 10.86
C ILE A 481 -6.38 -17.11 9.98
N PHE A 482 -5.50 -18.07 9.71
CA PHE A 482 -5.86 -19.28 8.97
C PHE A 482 -5.74 -20.49 9.87
N ASP A 483 -6.52 -21.52 9.55
CA ASP A 483 -6.49 -22.77 10.29
C ASP A 483 -5.17 -23.50 10.05
N PRO A 484 -4.45 -23.88 11.11
CA PRO A 484 -3.12 -24.47 10.92
C PRO A 484 -3.13 -25.95 10.58
N ARG A 485 -4.29 -26.58 10.48
CA ARG A 485 -4.40 -27.99 10.17
C ARG A 485 -4.76 -28.27 8.73
N VAL A 486 -5.14 -27.24 7.97
CA VAL A 486 -5.61 -27.39 6.61
C VAL A 486 -4.41 -27.38 5.67
N ASP A 487 -4.36 -28.36 4.76
CA ASP A 487 -3.36 -28.37 3.70
C ASP A 487 -3.74 -27.35 2.65
N ILE A 488 -3.02 -26.23 2.61
CA ILE A 488 -3.39 -25.12 1.73
C ILE A 488 -3.09 -25.40 0.26
N VAL A 489 -2.26 -26.41 -0.03
CA VAL A 489 -2.05 -26.81 -1.42
C VAL A 489 -3.31 -27.45 -1.98
N GLN A 490 -3.99 -28.26 -1.18
CA GLN A 490 -5.22 -28.92 -1.61
C GLN A 490 -6.46 -28.29 -1.01
N ALA A 491 -6.33 -27.15 -0.34
CA ALA A 491 -7.49 -26.45 0.18
C ALA A 491 -8.25 -25.77 -0.94
N ALA A 492 -9.56 -25.61 -0.74
CA ALA A 492 -10.45 -25.12 -1.78
C ALA A 492 -10.62 -23.62 -1.64
N TRP A 493 -10.17 -22.86 -2.63
CA TRP A 493 -10.42 -21.44 -2.72
C TRP A 493 -11.03 -21.16 -4.09
N SER A 494 -12.08 -20.36 -4.10
CA SER A 494 -12.71 -19.82 -5.31
C SER A 494 -13.09 -18.38 -4.99
N PRO A 495 -13.14 -17.49 -6.00
CA PRO A 495 -13.31 -16.07 -5.71
C PRO A 495 -14.68 -15.69 -5.15
N PHE A 496 -15.69 -16.52 -5.29
CA PHE A 496 -17.06 -16.15 -4.90
C PHE A 496 -17.62 -17.00 -3.77
N GLN A 497 -16.83 -17.91 -3.21
CA GLN A 497 -17.21 -18.69 -2.04
C GLN A 497 -16.40 -18.25 -0.84
N ARG A 498 -17.07 -18.11 0.31
CA ARG A 498 -16.39 -17.76 1.54
C ARG A 498 -15.48 -18.89 1.98
N THR A 499 -14.23 -18.56 2.30
CA THR A 499 -13.19 -19.57 2.49
C THR A 499 -13.41 -20.32 3.80
N SER A 500 -13.23 -21.64 3.74
CA SER A 500 -13.49 -22.50 4.88
C SER A 500 -12.37 -22.45 5.91
N TRP A 501 -11.15 -22.12 5.50
CA TRP A 501 -9.98 -22.22 6.35
C TRP A 501 -9.46 -20.87 6.83
N VAL A 502 -10.35 -19.90 7.00
CA VAL A 502 -9.98 -18.61 7.57
C VAL A 502 -10.66 -18.51 8.93
N GLN A 503 -9.87 -18.27 9.96
CA GLN A 503 -10.43 -18.18 11.31
C GLN A 503 -11.14 -16.84 11.47
N PRO A 504 -12.28 -16.82 12.16
CA PRO A 504 -13.01 -15.57 12.35
C PRO A 504 -12.28 -14.64 13.31
N LEU A 505 -12.33 -13.35 13.00
CA LEU A 505 -11.79 -12.34 13.90
C LEU A 505 -12.68 -12.26 15.14
N LEU A 506 -12.10 -12.58 16.29
CA LEU A 506 -12.83 -12.63 17.55
C LEU A 506 -13.13 -11.21 17.98
N MET A 507 -14.32 -10.72 17.61
CA MET A 507 -14.70 -9.36 17.95
C MET A 507 -15.44 -9.27 19.29
N ASP A 508 -15.77 -10.40 19.91
CA ASP A 508 -16.28 -10.37 21.27
C ASP A 508 -15.18 -10.26 22.31
N LEU A 509 -13.92 -10.35 21.90
CA LEU A 509 -12.76 -10.08 22.74
C LEU A 509 -12.17 -8.71 22.47
N SER A 510 -12.80 -7.92 21.64
CA SER A 510 -12.47 -6.51 21.40
C SER A 510 -12.76 -5.57 22.58
N PRO A 511 -13.73 -5.84 23.49
CA PRO A 511 -13.74 -5.12 24.77
C PRO A 511 -12.48 -5.25 25.62
N TRP A 512 -11.68 -6.30 25.43
CA TRP A 512 -10.50 -6.52 26.26
C TRP A 512 -9.38 -5.53 26.03
N ARG A 513 -9.44 -4.72 24.96
CA ARG A 513 -8.29 -3.93 24.53
C ARG A 513 -7.98 -2.80 25.48
N ALA A 514 -8.93 -2.35 26.28
CA ALA A 514 -8.63 -1.36 27.31
C ALA A 514 -7.84 -2.01 28.44
N LYS A 515 -8.09 -3.28 28.73
CA LYS A 515 -7.36 -3.97 29.78
C LYS A 515 -5.96 -4.38 29.33
N LEU A 516 -5.78 -4.67 28.04
CA LEU A 516 -4.47 -5.10 27.54
C LEU A 516 -3.45 -3.97 27.59
N GLN A 517 -3.87 -2.73 27.28
CA GLN A 517 -2.97 -1.60 27.41
C GLN A 517 -2.70 -1.26 28.88
N GLU A 518 -3.64 -1.61 29.77
CA GLU A 518 -3.39 -1.45 31.20
C GLU A 518 -2.33 -2.42 31.70
N ILE A 519 -2.25 -3.60 31.10
CA ILE A 519 -1.20 -4.55 31.46
C ILE A 519 0.13 -4.14 30.83
N LYS A 520 0.10 -3.63 29.60
CA LYS A 520 1.31 -3.16 28.93
C LYS A 520 1.91 -1.94 29.63
N SER A 521 1.06 -1.07 30.17
CA SER A 521 1.56 0.07 30.95
C SER A 521 2.02 -0.34 32.34
N SER A 522 1.55 -1.49 32.83
CA SER A 522 1.96 -2.00 34.14
C SER A 522 3.36 -2.60 34.14
N LEU A 523 3.94 -2.84 32.96
CA LEU A 523 5.24 -3.46 32.87
C LEU A 523 6.35 -2.41 32.85
N ASP A 524 7.54 -2.84 33.22
CA ASP A 524 8.71 -1.97 33.32
C ASP A 524 9.39 -1.88 31.97
N ASN A 525 10.62 -1.33 31.95
CA ASN A 525 11.38 -1.21 30.71
C ASN A 525 11.90 -2.54 30.19
N HIS A 526 11.81 -3.61 30.98
CA HIS A 526 12.48 -4.86 30.70
C HIS A 526 11.55 -5.93 30.19
N THR A 527 10.40 -6.14 30.84
CA THR A 527 9.50 -7.23 30.50
C THR A 527 8.60 -6.84 29.34
N GLU A 528 8.46 -7.75 28.39
CA GLU A 528 7.54 -7.60 27.27
C GLU A 528 6.40 -8.59 27.44
N VAL A 529 5.31 -8.35 26.71
CA VAL A 529 4.13 -9.19 26.83
C VAL A 529 3.56 -9.45 25.44
N VAL A 530 3.11 -10.69 25.22
CA VAL A 530 2.45 -11.08 23.98
C VAL A 530 1.09 -11.65 24.37
N PHE A 531 0.04 -10.92 24.05
CA PHE A 531 -1.33 -11.35 24.34
C PHE A 531 -1.77 -12.26 23.20
N ILE A 532 -2.37 -13.40 23.55
CA ILE A 532 -2.67 -14.44 22.57
C ILE A 532 -4.04 -15.01 22.88
N ALA A 533 -4.92 -15.08 21.87
CA ALA A 533 -6.20 -15.74 21.96
C ALA A 533 -6.18 -16.97 21.06
N ASP A 534 -6.64 -18.10 21.60
CA ASP A 534 -6.62 -19.35 20.85
C ASP A 534 -8.01 -20.00 20.86
N PHE A 535 -8.29 -20.71 19.79
CA PHE A 535 -9.58 -21.31 19.53
C PHE A 535 -9.70 -22.65 20.25
N PRO A 536 -10.93 -23.12 20.50
CA PRO A 536 -11.10 -24.45 21.09
C PRO A 536 -10.61 -25.56 20.18
N GLY A 537 -9.91 -26.53 20.77
CA GLY A 537 -9.36 -27.64 20.04
C GLY A 537 -7.98 -27.41 19.48
N LEU A 538 -7.57 -26.16 19.27
CA LEU A 538 -6.26 -25.83 18.75
C LEU A 538 -5.28 -25.65 19.91
N HIS A 539 -3.99 -25.80 19.60
CA HIS A 539 -2.95 -25.58 20.57
C HIS A 539 -1.85 -24.77 19.92
N LEU A 540 -0.97 -24.20 20.76
CA LEU A 540 0.17 -23.43 20.30
C LEU A 540 1.43 -24.12 20.81
N GLU A 541 2.29 -24.57 19.88
CA GLU A 541 3.56 -25.16 20.27
C GLU A 541 4.65 -24.11 20.14
N ASN A 542 5.06 -23.56 21.27
CA ASN A 542 6.07 -22.51 21.31
C ASN A 542 7.36 -23.09 21.84
N PHE A 543 8.47 -22.68 21.24
CA PHE A 543 9.80 -22.99 21.73
C PHE A 543 10.36 -21.72 22.34
N VAL A 544 10.34 -21.65 23.67
CA VAL A 544 10.97 -20.53 24.36
C VAL A 544 12.47 -20.65 24.20
N SER A 545 13.08 -19.64 23.57
CA SER A 545 14.53 -19.67 23.38
C SER A 545 15.25 -19.50 24.72
N GLU A 546 16.52 -19.91 24.74
CA GLU A 546 17.27 -19.92 25.99
C GLU A 546 17.62 -18.52 26.46
N ASP A 547 17.51 -17.53 25.57
CA ASP A 547 17.70 -16.14 25.97
C ASP A 547 16.58 -15.66 26.89
N LEU A 548 15.40 -16.26 26.78
CA LEU A 548 14.24 -15.81 27.56
C LEU A 548 14.13 -16.59 28.86
N GLY A 549 15.07 -16.34 29.76
CA GLY A 549 14.89 -16.73 31.14
C GLY A 549 13.81 -15.90 31.79
N ASN A 550 13.14 -16.50 32.78
CA ASN A 550 12.00 -15.91 33.49
C ASN A 550 10.89 -15.48 32.52
N THR A 551 10.33 -16.47 31.83
CA THR A 551 9.11 -16.28 31.08
C THR A 551 7.98 -17.01 31.77
N SER A 552 6.76 -16.52 31.57
CA SER A 552 5.61 -17.10 32.25
C SER A 552 4.35 -16.78 31.48
N ILE A 553 3.33 -17.61 31.70
CA ILE A 553 2.06 -17.50 31.01
C ILE A 553 0.94 -17.35 32.03
N GLN A 554 0.18 -16.26 31.92
CA GLN A 554 -0.93 -16.00 32.81
C GLN A 554 -2.21 -16.03 31.99
N LEU A 555 -3.16 -16.88 32.41
CA LEU A 555 -4.41 -17.01 31.70
C LEU A 555 -5.33 -15.87 32.09
N LEU A 556 -5.83 -15.13 31.10
CA LEU A 556 -6.72 -14.01 31.34
C LEU A 556 -8.18 -14.43 31.28
N GLN A 557 -8.52 -15.35 30.37
CA GLN A 557 -9.89 -15.76 30.16
C GLN A 557 -9.88 -17.12 29.48
N GLY A 558 -10.81 -17.98 29.85
CA GLY A 558 -10.91 -19.30 29.24
C GLY A 558 -10.30 -20.39 30.10
N GLU A 559 -9.77 -21.43 29.47
CA GLU A 559 -9.17 -22.54 30.19
C GLU A 559 -8.17 -23.23 29.28
N VAL A 560 -6.88 -23.04 29.54
CA VAL A 560 -5.84 -23.73 28.79
C VAL A 560 -5.17 -24.75 29.70
N THR A 561 -4.35 -25.59 29.08
CA THR A 561 -3.62 -26.64 29.78
C THR A 561 -2.20 -26.65 29.22
N VAL A 562 -1.27 -26.06 29.96
CA VAL A 562 0.10 -25.86 29.50
C VAL A 562 0.86 -27.16 29.68
N GLU A 563 1.36 -27.70 28.57
CA GLU A 563 2.18 -28.91 28.59
C GLU A 563 3.64 -28.52 28.49
N LEU A 564 4.49 -29.14 29.30
CA LEU A 564 5.93 -29.03 29.14
C LEU A 564 6.42 -30.30 28.44
N VAL A 565 6.95 -30.14 27.22
CA VAL A 565 7.21 -31.29 26.36
C VAL A 565 8.42 -32.07 26.85
N ALA A 566 9.39 -31.40 27.48
CA ALA A 566 10.59 -32.09 27.94
C ALA A 566 10.29 -32.97 29.15
N GLU A 567 9.35 -32.56 29.99
CA GLU A 567 8.95 -33.36 31.15
C GLU A 567 7.72 -34.22 30.89
N GLN A 568 6.97 -33.95 29.82
CA GLN A 568 5.68 -34.58 29.53
C GLN A 568 4.71 -34.43 30.71
N LYS A 569 4.50 -33.19 31.12
CA LYS A 569 3.70 -32.86 32.28
C LYS A 569 2.72 -31.75 31.93
N ASN A 570 1.44 -31.98 32.17
CA ASN A 570 0.41 -30.97 32.00
C ASN A 570 0.16 -30.20 33.28
N GLN A 571 -0.48 -29.05 33.13
CA GLN A 571 -0.92 -28.22 34.24
C GLN A 571 -2.08 -27.37 33.76
N THR A 572 -3.29 -27.64 34.25
CA THR A 572 -4.46 -26.90 33.83
C THR A 572 -4.53 -25.58 34.59
N LEU A 573 -4.65 -24.49 33.83
CA LEU A 573 -4.79 -23.17 34.41
C LEU A 573 -6.21 -22.66 34.19
N ARG A 574 -6.71 -21.89 35.15
CA ARG A 574 -7.92 -21.11 34.95
C ARG A 574 -7.60 -19.63 35.13
N GLU A 575 -8.66 -18.82 35.12
CA GLU A 575 -8.52 -17.38 34.91
C GLU A 575 -7.82 -16.70 36.09
N GLY A 576 -6.62 -16.18 35.83
CA GLY A 576 -5.82 -15.51 36.82
C GLY A 576 -4.59 -16.26 37.28
N GLU A 577 -4.49 -17.53 36.90
CA GLU A 577 -3.35 -18.35 37.32
C GLU A 577 -2.11 -18.22 36.46
N LYS A 578 -0.98 -17.92 37.08
CA LYS A 578 0.28 -17.77 36.38
C LYS A 578 1.03 -19.09 36.41
N MET A 579 2.00 -19.25 35.53
CA MET A 579 2.80 -20.46 35.47
C MET A 579 4.12 -20.14 34.80
N GLN A 580 5.22 -20.47 35.46
CA GLN A 580 6.55 -20.19 34.91
C GLN A 580 6.96 -21.27 33.92
N LEU A 581 7.63 -20.87 32.85
CA LEU A 581 8.03 -21.73 31.76
C LEU A 581 9.55 -21.81 31.66
N PRO A 582 10.10 -22.94 31.24
CA PRO A 582 11.56 -23.04 31.10
C PRO A 582 12.08 -22.35 29.85
N ALA A 583 13.33 -21.92 29.92
CA ALA A 583 14.01 -21.35 28.77
C ALA A 583 14.79 -22.44 28.04
N GLY A 584 14.81 -22.34 26.71
CA GLY A 584 15.54 -23.30 25.91
C GLY A 584 14.79 -24.59 25.62
N GLU A 585 13.56 -24.72 26.10
CA GLU A 585 12.80 -25.96 25.96
C GLU A 585 11.46 -25.68 25.30
N TYR A 586 10.76 -26.75 24.95
CA TYR A 586 9.46 -26.70 24.30
C TYR A 586 8.33 -26.67 25.32
N HIS A 587 7.26 -25.98 24.96
CA HIS A 587 6.04 -26.05 25.73
C HIS A 587 4.85 -25.85 24.81
N LYS A 588 3.75 -26.52 25.14
CA LYS A 588 2.53 -26.46 24.35
C LYS A 588 1.39 -25.96 25.21
N VAL A 589 0.57 -25.08 24.64
CA VAL A 589 -0.56 -24.48 25.34
C VAL A 589 -1.82 -25.02 24.67
N TYR A 590 -2.37 -26.10 25.23
CA TYR A 590 -3.58 -26.71 24.71
C TYR A 590 -4.80 -25.97 25.24
N THR A 591 -5.63 -25.44 24.34
CA THR A 591 -6.89 -24.81 24.73
C THR A 591 -7.93 -25.90 24.99
N THR A 592 -8.43 -25.97 26.22
CA THR A 592 -9.42 -26.97 26.61
C THR A 592 -10.76 -26.35 26.98
N SER A 593 -10.97 -25.09 26.65
CA SER A 593 -12.24 -24.43 26.93
C SER A 593 -13.18 -24.59 25.73
N PRO A 594 -14.49 -24.61 25.97
CA PRO A 594 -15.43 -24.61 24.84
C PRO A 594 -15.54 -23.27 24.14
N SER A 595 -15.15 -22.19 24.81
CA SER A 595 -15.06 -20.83 24.29
C SER A 595 -13.61 -20.51 23.99
N PRO A 596 -13.34 -19.52 23.13
CA PRO A 596 -11.94 -19.12 22.88
C PRO A 596 -11.30 -18.54 24.13
N SER A 597 -10.12 -19.07 24.45
CA SER A 597 -9.38 -18.69 25.65
C SER A 597 -8.37 -17.63 25.32
N CYS A 598 -7.98 -16.85 26.32
CA CYS A 598 -7.07 -15.72 26.15
C CYS A 598 -6.02 -15.76 27.25
N TYR A 599 -4.77 -15.53 26.87
CA TYR A 599 -3.68 -15.53 27.83
C TYR A 599 -2.60 -14.57 27.36
N MET A 600 -1.52 -14.48 28.13
CA MET A 600 -0.44 -13.56 27.81
C MET A 600 0.89 -14.16 28.21
N TYR A 601 1.93 -13.75 27.49
CA TYR A 601 3.29 -14.24 27.69
C TYR A 601 4.14 -13.12 28.25
N VAL A 602 4.23 -13.02 29.57
CA VAL A 602 5.02 -11.98 30.22
C VAL A 602 6.44 -12.50 30.33
N TYR A 603 7.25 -12.22 29.30
CA TYR A 603 8.64 -12.69 29.24
C TYR A 603 9.58 -11.50 29.41
N VAL A 604 10.82 -11.82 29.79
CA VAL A 604 11.91 -10.84 29.83
C VAL A 604 13.14 -11.50 29.23
N ASN A 605 13.86 -10.76 28.38
CA ASN A 605 15.05 -11.29 27.72
C ASN A 605 16.23 -11.10 28.68
N THR A 606 16.56 -12.15 29.43
CA THR A 606 17.64 -12.03 30.42
C THR A 606 19.01 -12.10 29.78
N THR A 607 19.11 -12.44 28.50
CA THR A 607 20.41 -12.38 27.84
C THR A 607 20.82 -10.94 27.55
N GLU A 608 19.94 -10.15 26.92
CA GLU A 608 20.27 -8.75 26.68
C GLU A 608 20.15 -7.93 27.95
N LEU A 609 19.43 -8.43 28.95
CA LEU A 609 19.44 -7.81 30.26
C LEU A 609 20.80 -7.96 30.92
N ALA A 610 21.33 -9.18 30.95
CA ALA A 610 22.69 -9.40 31.47
C ALA A 610 23.75 -8.78 30.57
N LEU A 611 23.44 -8.58 29.29
CA LEU A 611 24.31 -7.79 28.44
C LEU A 611 24.32 -6.33 28.86
N GLU A 612 23.16 -5.79 29.22
CA GLU A 612 23.15 -4.43 29.74
C GLU A 612 23.32 -4.37 31.26
N GLN A 613 23.52 -5.52 31.91
CA GLN A 613 24.10 -5.50 33.25
C GLN A 613 25.63 -5.44 33.20
N ASP A 614 26.22 -5.65 32.03
CA ASP A 614 27.67 -5.58 31.87
C ASP A 614 28.06 -4.33 31.07
N LEU A 615 27.26 -3.95 30.08
CA LEU A 615 27.58 -2.76 29.29
C LEU A 615 27.25 -1.48 30.06
N ALA A 616 26.21 -1.50 30.89
CA ALA A 616 25.98 -0.39 31.81
C ALA A 616 26.84 -0.54 33.07
N TYR A 617 27.56 -1.65 33.20
CA TYR A 617 28.67 -1.71 34.15
C TYR A 617 29.95 -1.22 33.50
N LEU A 618 30.07 -1.38 32.18
CA LEU A 618 31.29 -1.01 31.46
C LEU A 618 31.42 0.49 31.24
N GLN A 619 30.30 1.20 31.05
CA GLN A 619 30.38 2.61 30.72
C GLN A 619 30.80 3.46 31.92
N GLU A 620 30.34 3.13 33.12
CA GLU A 620 30.76 3.85 34.32
C GLU A 620 32.23 3.63 34.67
N LEU A 621 32.81 2.49 34.28
CA LEU A 621 34.25 2.34 34.42
C LEU A 621 35.00 2.96 33.26
N LYS A 622 34.30 3.38 32.20
CA LYS A 622 34.97 4.07 31.12
C LYS A 622 35.31 5.51 31.49
N GLU A 623 34.42 6.22 32.20
CA GLU A 623 34.73 7.58 32.62
C GLU A 623 35.50 7.64 33.94
N LYS A 624 35.96 6.50 34.47
CA LYS A 624 36.86 6.55 35.62
C LYS A 624 38.23 7.10 35.25
N THR A 653 36.17 -9.79 26.00
CA THR A 653 36.39 -9.09 24.72
C THR A 653 35.51 -9.40 23.49
N PRO A 654 34.56 -10.35 23.54
CA PRO A 654 33.42 -10.23 22.60
C PRO A 654 32.45 -9.12 22.96
N LEU A 655 32.41 -8.71 24.23
CA LEU A 655 31.38 -7.76 24.65
C LEU A 655 31.82 -6.32 24.41
N VAL A 656 33.09 -6.10 24.08
CA VAL A 656 33.61 -4.74 24.05
C VAL A 656 33.26 -4.05 22.74
N GLN A 657 33.16 -4.81 21.64
CA GLN A 657 32.78 -4.21 20.37
C GLN A 657 31.26 -4.11 20.25
N THR A 658 30.53 -4.97 20.96
CA THR A 658 29.08 -4.83 21.03
C THR A 658 28.70 -3.58 21.79
N PHE A 659 29.53 -3.18 22.76
CA PHE A 659 29.39 -1.85 23.35
C PHE A 659 29.80 -0.77 22.36
N LEU A 660 30.87 -1.02 21.60
CA LEU A 660 31.36 -0.02 20.67
C LEU A 660 30.53 0.09 19.40
N ARG A 661 29.88 -0.99 18.95
CA ARG A 661 28.95 -0.86 17.82
C ARG A 661 27.66 -0.16 18.20
N ARG A 662 27.38 -0.05 19.50
CA ARG A 662 26.26 0.76 19.96
C ARG A 662 26.69 2.19 20.26
N GLN A 663 27.94 2.40 20.67
CA GLN A 663 28.49 3.75 20.69
C GLN A 663 28.83 4.22 19.28
N GLN A 664 29.03 3.30 18.34
CA GLN A 664 29.08 3.67 16.93
C GLN A 664 27.78 4.26 16.44
N ARG A 665 26.65 3.58 16.69
CA ARG A 665 25.38 4.02 16.13
C ARG A 665 24.87 5.25 16.86
N LEU A 666 25.35 5.48 18.09
CA LEU A 666 25.05 6.69 18.84
C LEU A 666 25.64 7.94 18.18
N GLN A 667 26.67 7.78 17.33
CA GLN A 667 27.26 8.92 16.65
C GLN A 667 26.40 9.41 15.49
N GLU A 668 25.94 8.50 14.62
CA GLU A 668 25.30 8.98 13.40
C GLU A 668 23.80 9.22 13.57
N ILE A 669 23.15 8.57 14.53
CA ILE A 669 21.72 8.87 14.70
C ILE A 669 21.55 10.18 15.45
N GLU A 670 22.58 10.65 16.15
CA GLU A 670 22.49 11.95 16.79
C GLU A 670 22.73 13.08 15.80
N ARG A 671 23.56 12.86 14.77
CA ARG A 671 23.76 13.89 13.77
C ARG A 671 22.66 13.91 12.71
N ARG A 672 21.69 12.99 12.80
CA ARG A 672 20.38 13.19 12.19
C ARG A 672 19.70 14.45 12.69
N ARG A 673 19.89 14.79 13.97
CA ARG A 673 19.46 16.07 14.51
C ARG A 673 20.36 17.21 14.06
N ASN A 674 21.67 16.99 14.02
CA ASN A 674 22.64 18.03 13.77
C ASN A 674 22.91 18.30 12.30
N THR A 675 22.16 17.66 11.39
CA THR A 675 22.32 18.02 9.99
C THR A 675 21.34 19.15 9.62
N PRO A 676 21.74 20.07 8.76
CA PRO A 676 20.83 21.15 8.37
C PRO A 676 19.75 20.65 7.42
N PHE A 677 18.71 21.48 7.27
CA PHE A 677 17.60 21.13 6.39
C PHE A 677 17.98 21.29 4.92
N HIS A 678 18.83 22.27 4.60
CA HIS A 678 19.17 22.53 3.21
C HIS A 678 20.14 21.48 2.65
N GLU A 679 20.90 20.80 3.50
CA GLU A 679 21.76 19.72 3.03
C GLU A 679 21.11 18.35 3.20
N ARG A 680 20.00 18.33 3.90
CA ARG A 680 19.22 17.16 4.02
C ARG A 680 18.63 17.13 2.67
N PHE A 681 17.94 18.20 2.31
CA PHE A 681 17.23 18.29 1.04
C PHE A 681 18.17 18.13 -0.15
N PHE A 682 19.42 18.55 -0.02
CA PHE A 682 20.39 18.38 -1.10
C PHE A 682 20.75 16.91 -1.29
N ARG A 683 20.87 16.17 -0.19
CA ARG A 683 21.09 14.73 -0.25
C ARG A 683 19.87 13.99 -0.79
N PHE A 684 18.66 14.47 -0.48
CA PHE A 684 17.45 13.84 -0.97
C PHE A 684 17.31 14.02 -2.48
N LEU A 685 17.74 15.16 -3.01
CA LEU A 685 17.77 15.31 -4.46
C LEU A 685 18.91 14.53 -5.10
N LEU A 686 19.94 14.21 -4.34
CA LEU A 686 20.99 13.39 -4.90
C LEU A 686 20.42 11.98 -5.03
N ARG A 687 19.70 11.52 -4.00
CA ARG A 687 19.12 10.18 -4.03
C ARG A 687 18.18 10.06 -5.19
N LYS A 688 17.33 11.06 -5.36
CA LYS A 688 16.37 11.11 -6.46
C LYS A 688 17.09 11.16 -7.80
N LEU A 689 18.22 11.86 -7.86
CA LEU A 689 19.01 11.92 -9.07
C LEU A 689 19.55 10.53 -9.41
N TYR A 690 19.94 9.74 -8.41
CA TYR A 690 20.44 8.41 -8.64
C TYR A 690 19.36 7.40 -8.98
N VAL A 691 18.14 7.63 -8.53
CA VAL A 691 17.07 6.68 -8.82
C VAL A 691 16.45 6.98 -10.18
N PHE A 692 16.68 8.19 -10.71
CA PHE A 692 16.27 8.56 -12.05
C PHE A 692 17.37 8.31 -13.06
N ARG A 693 18.62 8.17 -12.60
CA ARG A 693 19.72 7.89 -13.51
C ARG A 693 19.90 6.40 -13.72
N ARG A 694 19.75 5.61 -12.64
CA ARG A 694 19.83 4.16 -12.76
C ARG A 694 18.67 3.61 -13.58
N SER A 695 17.48 4.17 -13.40
CA SER A 695 16.31 3.74 -14.16
C SER A 695 16.41 4.12 -15.62
N PHE A 696 17.18 5.16 -15.94
CA PHE A 696 17.39 5.52 -17.34
C PHE A 696 18.52 4.71 -17.96
N LEU A 697 19.55 4.40 -17.19
CA LEU A 697 20.70 3.69 -17.75
C LEU A 697 20.47 2.18 -17.79
N MET A 698 19.71 1.62 -16.85
CA MET A 698 19.39 0.21 -16.93
C MET A 698 18.28 -0.07 -17.94
N THR A 699 17.55 0.97 -18.36
CA THR A 699 16.60 0.81 -19.46
C THR A 699 17.34 0.72 -20.78
N CYS A 700 18.33 1.60 -20.99
CA CYS A 700 19.11 1.61 -22.21
C CYS A 700 19.97 0.37 -22.38
N ILE A 701 20.33 -0.29 -21.27
CA ILE A 701 20.98 -1.59 -21.36
C ILE A 701 20.02 -2.62 -21.93
N SER A 702 18.79 -2.65 -21.44
CA SER A 702 17.81 -3.62 -21.91
C SER A 702 17.09 -3.17 -23.17
N LEU A 703 17.25 -1.90 -23.56
CA LEU A 703 16.74 -1.49 -24.87
C LEU A 703 17.78 -1.69 -25.96
N ARG A 704 19.06 -1.82 -25.58
CA ARG A 704 20.07 -2.28 -26.51
C ARG A 704 20.05 -3.79 -26.65
N ASN A 705 19.59 -4.51 -25.63
CA ASN A 705 19.57 -5.96 -25.66
C ASN A 705 18.50 -6.51 -26.61
N LEU A 706 17.57 -5.67 -27.06
CA LEU A 706 16.54 -6.14 -27.97
C LEU A 706 16.84 -5.73 -29.40
N ILE A 707 17.55 -4.62 -29.60
CA ILE A 707 17.83 -4.12 -30.93
C ILE A 707 19.17 -4.63 -31.40
N LEU A 708 20.23 -4.27 -30.69
CA LEU A 708 21.58 -4.67 -31.03
C LEU A 708 21.92 -6.08 -30.54
N GLY A 709 21.09 -6.65 -29.69
CA GLY A 709 21.37 -7.95 -29.13
C GLY A 709 22.10 -7.86 -27.81
N ARG A 710 22.36 -9.03 -27.24
CA ARG A 710 22.98 -9.10 -25.93
C ARG A 710 24.46 -9.42 -26.06
N PRO A 711 25.34 -8.52 -25.61
CA PRO A 711 26.79 -8.77 -25.73
C PRO A 711 27.34 -9.73 -24.69
N SER A 712 28.66 -9.84 -24.63
CA SER A 712 29.33 -10.66 -23.63
C SER A 712 29.08 -10.10 -22.22
N LEU A 713 29.27 -10.98 -21.23
CA LEU A 713 28.94 -10.62 -19.86
C LEU A 713 29.92 -9.60 -19.28
N GLU A 714 31.17 -9.60 -19.76
CA GLU A 714 32.13 -8.62 -19.28
C GLU A 714 31.81 -7.22 -19.75
N GLN A 715 31.14 -7.10 -20.90
CA GLN A 715 30.73 -5.77 -21.35
C GLN A 715 29.37 -5.39 -20.79
N LEU A 716 28.53 -6.38 -20.43
CA LEU A 716 27.34 -6.09 -19.66
C LEU A 716 27.68 -5.70 -18.23
N ALA A 717 28.79 -6.21 -17.69
CA ALA A 717 29.19 -5.89 -16.33
C ALA A 717 29.67 -4.45 -16.23
N GLN A 718 30.31 -3.94 -17.28
CA GLN A 718 30.86 -2.59 -17.23
C GLN A 718 29.77 -1.53 -17.20
N GLU A 719 28.62 -1.81 -17.82
CA GLU A 719 27.52 -0.85 -17.84
C GLU A 719 26.69 -0.85 -16.58
N VAL A 720 26.48 -2.01 -15.96
CA VAL A 720 25.61 -2.08 -14.78
C VAL A 720 26.29 -1.44 -13.58
N THR A 721 27.61 -1.62 -13.42
CA THR A 721 28.34 -0.87 -12.40
C THR A 721 28.36 0.62 -12.74
N TYR A 722 28.36 0.96 -14.03
CA TYR A 722 28.21 2.35 -14.45
C TYR A 722 26.81 2.85 -14.15
N ALA A 723 25.79 2.02 -14.33
CA ALA A 723 24.42 2.42 -14.02
C ALA A 723 24.19 2.52 -12.52
N ASN A 724 24.83 1.65 -11.75
CA ASN A 724 24.70 1.64 -10.29
C ASN A 724 25.61 2.64 -9.60
N LEU A 725 26.28 3.51 -10.36
CA LEU A 725 27.12 4.54 -9.76
C LEU A 725 26.27 5.58 -9.05
N ARG A 726 26.70 5.96 -7.86
CA ARG A 726 26.14 7.13 -7.23
C ARG A 726 26.68 8.36 -7.96
N PRO A 727 25.84 9.34 -8.32
CA PRO A 727 26.23 10.36 -9.31
C PRO A 727 27.32 11.33 -8.87
N GLY B 33 19.05 -26.44 2.43
CA GLY B 33 19.52 -25.16 1.92
C GLY B 33 19.02 -23.97 2.72
N ALA B 34 19.06 -22.79 2.10
CA ALA B 34 18.58 -21.57 2.72
C ALA B 34 17.07 -21.40 2.61
N ALA B 35 16.39 -22.33 1.96
CA ALA B 35 14.94 -22.29 1.84
C ALA B 35 14.23 -22.98 2.98
N PHE B 36 14.96 -23.45 3.98
CA PHE B 36 14.39 -24.22 5.09
C PHE B 36 14.83 -23.65 6.42
N VAL B 37 14.14 -24.09 7.48
CA VAL B 37 14.45 -23.69 8.85
C VAL B 37 14.28 -24.94 9.71
N SER B 38 14.93 -24.92 10.88
CA SER B 38 14.90 -26.06 11.77
C SER B 38 13.65 -26.00 12.64
N LYS B 39 13.46 -27.01 13.47
CA LYS B 39 12.38 -27.01 14.46
C LYS B 39 12.87 -26.48 15.80
N GLN B 40 13.60 -25.38 15.78
CA GLN B 40 13.83 -24.58 16.98
C GLN B 40 13.64 -23.12 16.65
N GLU B 41 13.80 -22.78 15.37
CA GLU B 41 13.63 -21.42 14.91
C GLU B 41 12.30 -21.21 14.21
N GLY B 42 11.73 -22.27 13.63
CA GLY B 42 10.38 -22.19 13.10
C GLY B 42 9.30 -22.26 14.15
N SER B 43 9.65 -22.62 15.38
CA SER B 43 8.68 -22.76 16.47
C SER B 43 8.87 -21.71 17.56
N GLU B 44 9.60 -20.63 17.27
CA GLU B 44 9.75 -19.52 18.22
C GLU B 44 8.67 -18.49 17.93
N VAL B 45 7.73 -18.35 18.86
CA VAL B 45 6.64 -17.40 18.69
C VAL B 45 7.13 -15.98 18.92
N VAL B 46 8.15 -15.76 19.87
CA VAL B 46 8.56 -14.44 20.32
C VAL B 46 9.52 -13.78 19.32
N LYS B 47 10.53 -14.54 18.88
CA LYS B 47 11.66 -14.05 18.07
C LYS B 47 12.36 -12.84 18.68
N PRO B 64 2.82 -2.42 13.71
CA PRO B 64 1.86 -1.66 12.93
C PRO B 64 2.25 -1.59 11.45
N ASP B 65 1.54 -2.33 10.61
CA ASP B 65 1.80 -2.39 9.17
C ASP B 65 0.56 -1.94 8.42
N PRO B 66 0.44 -0.64 8.12
CA PRO B 66 -0.64 -0.20 7.22
C PRO B 66 -0.30 -0.57 5.79
N LEU B 67 -1.31 -1.03 5.05
CA LEU B 67 -1.10 -1.57 3.70
C LEU B 67 -0.99 -0.49 2.63
N GLU B 68 -1.17 0.78 3.00
CA GLU B 68 -1.15 1.89 2.05
C GLU B 68 0.24 2.41 1.65
N PRO B 69 1.21 2.63 2.56
CA PRO B 69 2.50 3.17 2.09
C PRO B 69 3.29 2.19 1.24
N ARG B 70 4.10 2.74 0.34
CA ARG B 70 4.91 1.97 -0.59
C ARG B 70 6.04 1.22 0.12
N ASP B 81 11.38 -3.22 -0.28
CA ASP B 81 12.63 -2.48 -0.36
C ASP B 81 13.77 -3.48 -0.40
N GLU B 82 13.56 -4.64 0.25
CA GLU B 82 14.61 -5.66 0.38
C GLU B 82 14.99 -6.21 -0.99
N LEU B 83 14.14 -7.06 -1.56
CA LEU B 83 14.06 -7.38 -2.99
C LEU B 83 15.29 -8.05 -3.61
N ALA B 84 16.39 -8.13 -2.86
CA ALA B 84 17.62 -8.73 -3.30
C ALA B 84 18.12 -9.77 -2.32
N ASP B 85 17.41 -9.96 -1.22
CA ASP B 85 17.68 -11.04 -0.28
C ASP B 85 16.83 -12.26 -0.65
N HIS B 86 16.93 -12.65 -1.91
CA HIS B 86 16.16 -13.76 -2.44
C HIS B 86 16.97 -15.03 -2.27
N ILE B 87 16.45 -16.15 -2.75
CA ILE B 87 17.10 -17.44 -2.50
C ILE B 87 18.27 -17.64 -3.45
N GLY B 88 18.04 -17.51 -4.74
CA GLY B 88 19.10 -17.69 -5.70
C GLY B 88 19.41 -16.41 -6.44
N PHE B 89 19.48 -15.30 -5.73
CA PHE B 89 19.50 -14.00 -6.38
C PHE B 89 20.86 -13.68 -6.99
N GLN B 90 21.93 -13.83 -6.21
CA GLN B 90 23.23 -13.29 -6.62
C GLN B 90 23.85 -14.09 -7.77
N GLU B 91 23.42 -15.33 -7.99
CA GLU B 91 23.92 -16.05 -9.14
C GLU B 91 23.02 -15.85 -10.36
N ALA B 92 21.70 -15.72 -10.14
CA ALA B 92 20.81 -15.42 -11.25
C ALA B 92 20.94 -13.97 -11.69
N TYR B 93 21.49 -13.10 -10.85
CA TYR B 93 21.84 -11.76 -11.29
C TYR B 93 23.06 -11.79 -12.20
N ARG B 94 24.12 -12.48 -11.77
CA ARG B 94 25.33 -12.59 -12.57
C ARG B 94 25.16 -13.49 -13.79
N ARG B 95 24.04 -14.19 -13.87
CA ARG B 95 23.77 -15.06 -15.00
C ARG B 95 23.21 -14.25 -16.16
N PHE B 96 22.38 -13.28 -15.83
CA PHE B 96 21.70 -12.41 -16.79
C PHE B 96 22.46 -11.13 -17.08
N TYR B 97 23.34 -10.77 -16.14
CA TYR B 97 24.15 -9.55 -16.18
C TYR B 97 25.59 -10.06 -16.18
N GLY B 98 26.56 -9.20 -15.93
CA GLY B 98 27.92 -9.67 -15.77
C GLY B 98 28.32 -9.89 -14.33
N PRO B 99 29.63 -10.01 -14.08
CA PRO B 99 30.11 -10.05 -12.70
C PRO B 99 30.04 -8.70 -12.00
N VAL B 100 28.85 -8.34 -11.54
CA VAL B 100 28.65 -7.05 -10.89
C VAL B 100 28.92 -7.17 -9.39
#